data_6XGP
#
_entry.id   6XGP
#
_cell.length_a   54.396
_cell.length_b   91.994
_cell.length_c   89.032
_cell.angle_alpha   90.000
_cell.angle_beta   102.420
_cell.angle_gamma   90.000
#
_symmetry.space_group_name_H-M   'P 1 21 1'
#
loop_
_entity.id
_entity.type
_entity.pdbx_description
1 polymer 'YSD1_17 major capsid protein'
2 water water
#
_entity_poly.entity_id   1
_entity_poly.type   'polypeptide(L)'
_entity_poly.pdbx_seq_one_letter_code
;MAGLYTTYQLLEVQRKLKTLPAFFLQWFPRQINFQEDMIAFDKVIQDVTRVAPFVAPNVQGRVIKESGYNTKTFKPAYVK
PKHVIDPNMIIPRQPGEALGTGTLSIAQRRDRVIAYLLMKHRAMHENTWEWMAAQAAQYGYVDVQGQDYPLVRVDFGRDA
ALTMTTDWTAAGVTLMDMIADLRDGQRLVSDKSMSGTVIRDYVFGGDAWDQFVKVGGKELWGKDGLMDSTIRGSETNVTR
LWDDVEGVQYMGELVGANGAGRMRIWVNTQKYRDQNDQEQFLMKQKAVMGISSAIEGVRCFGAILDKGAGYQALDYFPKM
WDQEDPSVEYLMSQGAPLMVPADPNASFLLTVMS
;
_entity_poly.pdbx_strand_id   A,B
#
# COMPACT_ATOMS: atom_id res chain seq x y z
N LEU A 4 -1.03 3.10 -51.64
CA LEU A 4 -1.01 2.92 -50.19
C LEU A 4 -0.24 1.69 -49.82
N TYR A 5 0.28 1.68 -48.57
CA TYR A 5 0.98 0.51 -48.02
C TYR A 5 0.21 -0.16 -46.90
N THR A 6 0.30 -1.51 -46.88
CA THR A 6 -0.33 -2.36 -45.86
C THR A 6 0.48 -2.26 -44.57
N THR A 7 -0.14 -2.62 -43.42
CA THR A 7 0.52 -2.64 -42.12
C THR A 7 1.79 -3.47 -42.20
N TYR A 8 1.71 -4.67 -42.82
CA TYR A 8 2.84 -5.56 -43.00
C TYR A 8 4.03 -4.88 -43.68
N GLN A 9 3.78 -4.13 -44.79
CA GLN A 9 4.77 -3.36 -45.57
C GLN A 9 5.32 -2.18 -44.79
N LEU A 10 4.49 -1.52 -43.95
CA LEU A 10 4.91 -0.40 -43.12
C LEU A 10 5.75 -0.88 -41.88
N LEU A 11 5.47 -2.10 -41.40
CA LEU A 11 6.20 -2.71 -40.31
C LEU A 11 7.61 -3.14 -40.77
N GLU A 12 7.75 -3.56 -42.05
CA GLU A 12 9.05 -3.96 -42.62
C GLU A 12 10.03 -2.80 -42.59
N VAL A 13 9.55 -1.61 -42.92
CA VAL A 13 10.33 -0.38 -42.91
C VAL A 13 10.61 0.08 -41.46
N GLN A 14 9.53 0.24 -40.66
CA GLN A 14 9.52 0.66 -39.25
C GLN A 14 10.43 -0.15 -38.38
N ARG A 15 10.41 -1.51 -38.52
CA ARG A 15 11.20 -2.46 -37.73
C ARG A 15 12.65 -2.74 -38.21
N LYS A 16 13.01 -2.41 -39.47
CA LYS A 16 14.33 -2.64 -40.10
C LYS A 16 15.57 -2.00 -39.44
N LEU A 17 15.44 -0.72 -39.04
CA LEU A 17 16.56 0.02 -38.45
C LEU A 17 16.75 -0.28 -36.98
N LYS A 18 17.97 -0.01 -36.45
CA LYS A 18 18.34 -0.18 -35.05
C LYS A 18 18.15 1.16 -34.32
N THR A 19 17.56 1.11 -33.10
CA THR A 19 17.34 2.31 -32.27
C THR A 19 18.18 2.19 -31.00
N LEU A 20 18.81 3.30 -30.57
CA LEU A 20 19.67 3.38 -29.40
C LEU A 20 19.07 2.67 -28.19
N PRO A 21 19.87 1.84 -27.48
CA PRO A 21 19.32 1.08 -26.34
C PRO A 21 18.64 1.91 -25.27
N ALA A 22 17.50 1.40 -24.80
CA ALA A 22 16.73 1.95 -23.70
C ALA A 22 17.43 1.47 -22.42
N PHE A 23 17.64 2.39 -21.47
CA PHE A 23 18.32 2.08 -20.23
C PHE A 23 17.50 1.24 -19.21
N PHE A 24 16.37 1.78 -18.75
CA PHE A 24 15.51 1.14 -17.73
C PHE A 24 14.82 -0.16 -18.15
N LEU A 25 14.42 -0.27 -19.45
CA LEU A 25 13.78 -1.44 -20.06
C LEU A 25 14.67 -2.68 -20.09
N GLN A 26 16.01 -2.54 -19.87
CA GLN A 26 16.95 -3.68 -19.81
C GLN A 26 16.51 -4.68 -18.72
N TRP A 27 15.76 -4.18 -17.73
CA TRP A 27 15.16 -4.93 -16.64
C TRP A 27 13.73 -5.40 -16.97
N PHE A 28 13.24 -5.05 -18.16
CA PHE A 28 11.93 -5.49 -18.60
C PHE A 28 12.17 -6.38 -19.84
N PRO A 29 12.85 -7.56 -19.72
CA PRO A 29 13.14 -8.33 -20.93
C PRO A 29 12.01 -9.17 -21.47
N ARG A 30 11.05 -9.54 -20.61
CA ARG A 30 9.91 -10.35 -21.00
C ARG A 30 8.87 -9.50 -21.71
N GLN A 31 7.99 -10.11 -22.51
CA GLN A 31 6.92 -9.41 -23.24
C GLN A 31 5.66 -10.27 -23.44
N ILE A 32 4.51 -9.67 -23.18
CA ILE A 32 3.23 -10.32 -23.42
C ILE A 32 2.37 -9.41 -24.28
N ASN A 33 2.04 -9.90 -25.48
CA ASN A 33 1.14 -9.24 -26.40
C ASN A 33 -0.23 -9.89 -26.20
N PHE A 34 -1.05 -9.28 -25.34
CA PHE A 34 -2.38 -9.77 -24.98
C PHE A 34 -3.31 -9.83 -26.21
N GLN A 35 -4.23 -10.83 -26.26
CA GLN A 35 -5.13 -11.03 -27.40
C GLN A 35 -6.37 -10.12 -27.48
N GLU A 36 -6.88 -9.65 -26.33
CA GLU A 36 -8.01 -8.73 -26.26
C GLU A 36 -7.56 -7.32 -25.80
N ASP A 37 -8.51 -6.42 -25.47
CA ASP A 37 -8.27 -5.03 -25.05
C ASP A 37 -7.68 -4.87 -23.63
N MET A 38 -7.76 -5.94 -22.83
CA MET A 38 -7.32 -5.99 -21.42
C MET A 38 -5.98 -6.67 -21.20
N ILE A 39 -5.29 -6.25 -20.12
CA ILE A 39 -4.01 -6.79 -19.62
C ILE A 39 -4.33 -7.54 -18.32
N ALA A 40 -3.87 -8.79 -18.18
CA ALA A 40 -4.12 -9.60 -17.00
C ALA A 40 -2.84 -9.70 -16.17
N PHE A 41 -2.89 -9.15 -14.94
CA PHE A 41 -1.78 -9.14 -13.99
C PHE A 41 -1.50 -10.53 -13.45
N ASP A 42 -2.54 -11.39 -13.38
CA ASP A 42 -2.44 -12.79 -12.96
C ASP A 42 -1.48 -13.56 -13.89
N LYS A 43 -1.34 -13.09 -15.15
CA LYS A 43 -0.43 -13.65 -16.15
C LYS A 43 0.97 -12.96 -16.11
N VAL A 44 1.18 -11.99 -15.17
CA VAL A 44 2.46 -11.24 -15.06
C VAL A 44 3.09 -11.28 -13.65
N ILE A 45 2.36 -10.78 -12.63
CA ILE A 45 2.83 -10.66 -11.25
C ILE A 45 2.97 -12.01 -10.55
N GLN A 46 4.14 -12.22 -9.90
CA GLN A 46 4.53 -13.44 -9.17
C GLN A 46 3.81 -13.59 -7.82
N ASP A 47 3.84 -12.55 -6.96
CA ASP A 47 3.21 -12.58 -5.63
C ASP A 47 1.70 -12.72 -5.74
N VAL A 48 1.16 -13.88 -5.34
CA VAL A 48 -0.26 -14.24 -5.40
C VAL A 48 -1.20 -13.30 -4.59
N THR A 49 -0.61 -12.45 -3.71
CA THR A 49 -1.36 -11.46 -2.92
C THR A 49 -1.35 -10.10 -3.64
N ARG A 50 -0.27 -9.85 -4.40
CA ARG A 50 -0.03 -8.60 -5.15
C ARG A 50 -0.49 -8.68 -6.63
N VAL A 51 -1.25 -9.74 -7.04
CA VAL A 51 -1.75 -9.91 -8.42
C VAL A 51 -2.90 -8.94 -8.77
N ALA A 52 -3.38 -8.20 -7.75
CA ALA A 52 -4.44 -7.22 -7.92
C ALA A 52 -3.92 -5.82 -7.55
N PRO A 53 -3.19 -5.13 -8.47
CA PRO A 53 -2.69 -3.78 -8.16
C PRO A 53 -3.82 -2.78 -7.93
N PHE A 54 -3.52 -1.73 -7.17
CA PHE A 54 -4.47 -0.66 -6.88
C PHE A 54 -4.41 0.42 -7.94
N VAL A 55 -5.54 0.65 -8.65
CA VAL A 55 -5.69 1.66 -9.72
C VAL A 55 -6.66 2.76 -9.26
N ALA A 56 -6.20 4.02 -9.23
CA ALA A 56 -6.98 5.17 -8.78
C ALA A 56 -6.74 6.41 -9.66
N PRO A 57 -7.71 7.30 -9.88
CA PRO A 57 -7.42 8.47 -10.73
C PRO A 57 -6.44 9.46 -10.09
N ASN A 58 -5.47 9.96 -10.87
CA ASN A 58 -4.51 10.95 -10.41
C ASN A 58 -5.02 12.32 -10.86
N VAL A 59 -5.76 13.02 -9.95
CA VAL A 59 -6.36 14.31 -10.27
C VAL A 59 -5.57 15.46 -9.65
N GLN A 60 -5.02 16.34 -10.54
CA GLN A 60 -4.20 17.50 -10.22
C GLN A 60 -2.99 17.15 -9.33
N GLY A 61 -2.32 16.06 -9.69
CA GLY A 61 -1.17 15.55 -8.96
C GLY A 61 -1.53 14.64 -7.80
N ARG A 62 -2.70 14.85 -7.19
CA ARG A 62 -3.19 14.07 -6.04
C ARG A 62 -3.90 12.80 -6.48
N VAL A 63 -3.53 11.68 -5.85
CA VAL A 63 -4.10 10.36 -6.11
C VAL A 63 -5.44 10.29 -5.40
N ILE A 64 -6.52 10.09 -6.16
CA ILE A 64 -7.87 9.99 -5.59
C ILE A 64 -8.18 8.52 -5.23
N LYS A 65 -7.59 8.04 -4.11
CA LYS A 65 -7.70 6.67 -3.61
C LYS A 65 -9.15 6.20 -3.38
N GLU A 66 -10.04 7.12 -2.94
CA GLU A 66 -11.46 6.91 -2.65
C GLU A 66 -12.19 6.27 -3.85
N SER A 67 -12.02 6.87 -5.05
CA SER A 67 -12.61 6.38 -6.32
C SER A 67 -11.72 5.31 -7.02
N GLY A 68 -10.85 4.69 -6.23
CA GLY A 68 -9.92 3.66 -6.67
C GLY A 68 -10.32 2.26 -6.27
N TYR A 69 -9.72 1.26 -6.94
CA TYR A 69 -9.99 -0.17 -6.70
C TYR A 69 -8.79 -1.05 -7.00
N ASN A 70 -8.85 -2.28 -6.50
CA ASN A 70 -7.83 -3.29 -6.78
C ASN A 70 -8.40 -4.05 -7.96
N THR A 71 -7.57 -4.38 -8.94
CA THR A 71 -8.02 -5.07 -10.14
C THR A 71 -6.99 -6.06 -10.66
N LYS A 72 -7.46 -7.26 -11.02
CA LYS A 72 -6.63 -8.33 -11.55
C LYS A 72 -6.32 -8.05 -13.03
N THR A 73 -7.14 -7.17 -13.66
CA THR A 73 -7.09 -6.80 -15.08
C THR A 73 -7.06 -5.27 -15.36
N PHE A 74 -6.35 -4.84 -16.42
CA PHE A 74 -6.22 -3.41 -16.77
C PHE A 74 -6.47 -3.17 -18.25
N LYS A 75 -7.14 -2.04 -18.58
CA LYS A 75 -7.37 -1.64 -19.97
C LYS A 75 -6.38 -0.52 -20.33
N PRO A 76 -5.26 -0.83 -21.02
CA PRO A 76 -4.29 0.22 -21.35
C PRO A 76 -4.78 1.17 -22.43
N ALA A 77 -4.55 2.48 -22.22
CA ALA A 77 -4.91 3.52 -23.15
C ALA A 77 -3.98 3.50 -24.36
N TYR A 78 -4.52 3.77 -25.57
CA TYR A 78 -3.81 3.78 -26.85
C TYR A 78 -2.81 4.93 -26.95
N VAL A 79 -1.57 4.63 -27.39
CA VAL A 79 -0.53 5.61 -27.66
C VAL A 79 -0.71 5.74 -29.19
N LYS A 80 -1.22 6.89 -29.67
CA LYS A 80 -1.53 6.97 -31.11
C LYS A 80 -1.00 8.17 -31.97
N PRO A 81 0.34 8.32 -32.16
CA PRO A 81 0.84 9.37 -33.07
C PRO A 81 0.25 9.31 -34.50
N LYS A 82 -0.31 10.43 -34.99
CA LYS A 82 -0.88 10.52 -36.33
C LYS A 82 -0.35 11.74 -37.05
N HIS A 83 0.25 11.54 -38.24
CA HIS A 83 0.86 12.59 -39.04
C HIS A 83 0.44 12.54 -40.50
N VAL A 84 0.31 13.70 -41.11
CA VAL A 84 -0.02 13.87 -42.53
C VAL A 84 1.24 13.47 -43.31
N ILE A 85 1.06 12.71 -44.41
CA ILE A 85 2.19 12.33 -45.25
C ILE A 85 2.31 13.37 -46.34
N ASP A 86 3.27 14.31 -46.18
CA ASP A 86 3.53 15.33 -47.17
C ASP A 86 4.84 14.98 -47.88
N PRO A 87 4.79 14.65 -49.22
CA PRO A 87 6.06 14.31 -49.93
C PRO A 87 7.10 15.44 -49.95
N ASN A 88 6.62 16.70 -49.83
CA ASN A 88 7.43 17.90 -49.82
C ASN A 88 8.03 18.23 -48.44
N MET A 89 7.90 17.33 -47.46
CA MET A 89 8.37 17.55 -46.09
C MET A 89 9.89 17.72 -45.96
N ILE A 90 10.29 18.64 -45.06
CA ILE A 90 11.69 18.97 -44.74
C ILE A 90 12.29 17.89 -43.83
N ILE A 91 13.22 17.09 -44.39
CA ILE A 91 13.91 16.00 -43.70
C ILE A 91 15.43 16.24 -43.74
N PRO A 92 16.12 16.25 -42.58
CA PRO A 92 17.58 16.53 -42.57
C PRO A 92 18.53 15.49 -43.18
N ARG A 93 18.08 14.24 -43.46
CA ARG A 93 18.89 13.13 -44.00
C ARG A 93 20.10 12.79 -43.12
N ILE A 106 8.86 11.52 -57.52
CA ILE A 106 7.96 11.97 -56.47
C ILE A 106 7.76 10.85 -55.46
N ALA A 107 7.35 9.64 -55.92
CA ALA A 107 7.08 8.45 -55.12
C ALA A 107 8.25 8.03 -54.24
N GLN A 108 9.49 8.32 -54.70
CA GLN A 108 10.75 8.04 -54.02
C GLN A 108 10.78 8.90 -52.74
N ARG A 109 10.37 10.19 -52.86
CA ARG A 109 10.33 11.16 -51.74
C ARG A 109 9.19 10.84 -50.77
N ARG A 110 8.03 10.41 -51.32
CA ARG A 110 6.86 9.98 -50.56
C ARG A 110 7.30 8.87 -49.58
N ASP A 111 7.92 7.78 -50.09
CA ASP A 111 8.45 6.66 -49.29
C ASP A 111 9.44 7.10 -48.22
N ARG A 112 10.33 8.04 -48.55
CA ARG A 112 11.31 8.65 -47.66
C ARG A 112 10.63 9.41 -46.50
N VAL A 113 9.48 10.03 -46.77
CA VAL A 113 8.70 10.77 -45.78
C VAL A 113 8.10 9.78 -44.79
N ILE A 114 7.40 8.75 -45.33
CA ILE A 114 6.75 7.62 -44.63
C ILE A 114 7.74 6.96 -43.64
N ALA A 115 8.94 6.64 -44.10
CA ALA A 115 10.01 6.02 -43.32
C ALA A 115 10.48 6.91 -42.15
N TYR A 116 10.59 8.24 -42.36
CA TYR A 116 10.99 9.20 -41.32
C TYR A 116 9.88 9.27 -40.27
N LEU A 117 8.60 9.36 -40.73
CA LEU A 117 7.40 9.42 -39.90
C LEU A 117 7.25 8.15 -39.07
N LEU A 118 7.45 6.99 -39.71
CA LEU A 118 7.37 5.67 -39.08
C LEU A 118 8.42 5.56 -37.96
N MET A 119 9.65 6.08 -38.19
CA MET A 119 10.77 6.14 -37.23
C MET A 119 10.40 7.06 -36.04
N LYS A 120 9.83 8.24 -36.32
CA LYS A 120 9.38 9.19 -35.32
C LYS A 120 8.27 8.57 -34.42
N HIS A 121 7.34 7.81 -35.04
CA HIS A 121 6.24 7.10 -34.36
C HIS A 121 6.76 5.98 -33.46
N ARG A 122 7.67 5.14 -34.00
CA ARG A 122 8.32 4.04 -33.31
C ARG A 122 9.07 4.59 -32.07
N ALA A 123 9.71 5.78 -32.21
CA ALA A 123 10.43 6.47 -31.12
C ALA A 123 9.46 6.91 -30.04
N MET A 124 8.28 7.45 -30.43
CA MET A 124 7.23 7.88 -29.49
C MET A 124 6.72 6.71 -28.64
N HIS A 125 6.58 5.50 -29.25
CA HIS A 125 6.19 4.30 -28.53
C HIS A 125 7.33 3.81 -27.64
N GLU A 126 8.57 3.75 -28.17
CA GLU A 126 9.75 3.24 -27.45
C GLU A 126 10.09 4.03 -26.19
N ASN A 127 10.07 5.36 -26.31
CA ASN A 127 10.31 6.30 -25.21
C ASN A 127 9.19 6.20 -24.16
N THR A 128 7.94 5.90 -24.60
CA THR A 128 6.81 5.70 -23.68
C THR A 128 7.07 4.47 -22.83
N TRP A 129 7.56 3.37 -23.46
CA TRP A 129 7.88 2.13 -22.75
C TRP A 129 8.95 2.41 -21.71
N GLU A 130 10.06 3.09 -22.09
CA GLU A 130 11.19 3.49 -21.25
C GLU A 130 10.77 4.31 -20.05
N TRP A 131 9.94 5.38 -20.24
CA TRP A 131 9.48 6.16 -19.09
C TRP A 131 8.58 5.38 -18.11
N MET A 132 7.79 4.43 -18.64
CA MET A 132 6.92 3.55 -17.86
C MET A 132 7.77 2.55 -17.09
N ALA A 133 8.90 2.12 -17.69
CA ALA A 133 9.90 1.24 -17.06
C ALA A 133 10.55 1.98 -15.88
N ALA A 134 11.07 3.22 -16.13
CA ALA A 134 11.68 4.14 -15.17
C ALA A 134 10.83 4.33 -13.90
N GLN A 135 9.52 4.62 -14.10
CA GLN A 135 8.54 4.84 -13.03
C GLN A 135 8.23 3.54 -12.25
N ALA A 136 7.98 2.43 -12.97
CA ALA A 136 7.67 1.15 -12.34
C ALA A 136 8.83 0.67 -11.47
N ALA A 137 10.08 0.71 -12.01
CA ALA A 137 11.28 0.28 -11.28
C ALA A 137 11.62 1.19 -10.08
N GLN A 138 11.68 2.54 -10.28
CA GLN A 138 12.00 3.56 -9.27
C GLN A 138 10.96 3.59 -8.12
N TYR A 139 9.66 3.70 -8.45
CA TYR A 139 8.61 3.91 -7.44
C TYR A 139 7.72 2.72 -7.04
N GLY A 140 7.61 1.72 -7.91
CA GLY A 140 6.77 0.55 -7.69
C GLY A 140 5.35 0.78 -8.19
N TYR A 141 5.11 1.97 -8.77
CA TYR A 141 3.86 2.44 -9.36
C TYR A 141 4.11 3.27 -10.61
N VAL A 142 3.14 3.31 -11.53
CA VAL A 142 3.28 4.12 -12.73
C VAL A 142 2.04 4.97 -13.03
N ASP A 143 2.25 6.26 -13.26
CA ASP A 143 1.17 7.17 -13.63
C ASP A 143 1.03 7.12 -15.13
N VAL A 144 -0.14 6.66 -15.61
CA VAL A 144 -0.49 6.47 -17.02
C VAL A 144 -1.81 7.14 -17.38
N GLN A 145 -2.17 7.11 -18.67
CA GLN A 145 -3.42 7.62 -19.19
C GLN A 145 -4.54 6.63 -18.83
N GLY A 146 -5.67 7.17 -18.37
CA GLY A 146 -6.82 6.37 -17.97
C GLY A 146 -7.85 6.25 -19.07
N GLN A 147 -8.96 5.56 -18.78
CA GLN A 147 -10.05 5.35 -19.75
C GLN A 147 -11.12 6.44 -19.64
N ASP A 148 -11.45 6.83 -18.39
CA ASP A 148 -12.40 7.89 -18.12
C ASP A 148 -11.71 9.14 -17.54
N TYR A 149 -10.49 8.97 -16.97
CA TYR A 149 -9.67 10.03 -16.38
C TYR A 149 -8.43 10.26 -17.24
N PRO A 150 -7.91 11.50 -17.37
CA PRO A 150 -6.73 11.71 -18.23
C PRO A 150 -5.47 11.02 -17.71
N LEU A 151 -5.40 10.82 -16.39
CA LEU A 151 -4.27 10.18 -15.74
C LEU A 151 -4.72 9.39 -14.52
N VAL A 152 -4.24 8.14 -14.43
CA VAL A 152 -4.48 7.20 -13.33
C VAL A 152 -3.14 6.61 -12.84
N ARG A 153 -3.08 6.23 -11.56
CA ARG A 153 -1.90 5.58 -10.97
C ARG A 153 -2.19 4.10 -10.81
N VAL A 154 -1.27 3.25 -11.33
CA VAL A 154 -1.31 1.79 -11.21
C VAL A 154 -0.25 1.48 -10.15
N ASP A 155 -0.66 1.18 -8.90
CA ASP A 155 0.28 0.88 -7.80
C ASP A 155 0.52 -0.62 -7.75
N PHE A 156 1.76 -1.09 -8.00
CA PHE A 156 2.09 -2.52 -8.00
C PHE A 156 2.37 -3.12 -6.60
N GLY A 157 2.23 -2.31 -5.57
CA GLY A 157 2.37 -2.71 -4.18
C GLY A 157 3.73 -3.15 -3.71
N ARG A 158 4.76 -2.34 -4.00
CA ARG A 158 6.12 -2.66 -3.53
C ARG A 158 6.15 -2.34 -2.04
N ASP A 159 6.83 -3.19 -1.23
CA ASP A 159 6.94 -3.00 0.22
C ASP A 159 7.38 -1.57 0.53
N ALA A 160 6.64 -0.89 1.43
CA ALA A 160 6.89 0.50 1.85
C ALA A 160 8.28 0.74 2.45
N ALA A 161 8.97 -0.34 2.94
CA ALA A 161 10.32 -0.29 3.49
C ALA A 161 11.36 -0.10 2.38
N LEU A 162 10.94 -0.36 1.10
CA LEU A 162 11.79 -0.24 -0.08
C LEU A 162 11.80 1.16 -0.72
N THR A 163 11.16 2.12 -0.04
CA THR A 163 11.14 3.54 -0.39
C THR A 163 11.69 4.28 0.82
N MET A 164 13.00 4.54 0.77
CA MET A 164 13.76 5.13 1.85
C MET A 164 14.12 6.59 1.65
N THR A 165 14.59 7.20 2.74
CA THR A 165 15.02 8.57 2.85
C THR A 165 16.18 8.59 3.81
N THR A 166 17.23 9.32 3.44
CA THR A 166 18.45 9.59 4.21
C THR A 166 18.97 10.98 3.80
N ASP A 167 19.97 11.49 4.53
CA ASP A 167 20.53 12.81 4.20
C ASP A 167 22.06 12.78 4.05
N TRP A 168 22.52 12.56 2.81
CA TRP A 168 23.92 12.50 2.49
C TRP A 168 24.62 13.87 2.61
N THR A 169 23.84 14.94 2.86
CA THR A 169 24.37 16.29 3.06
C THR A 169 24.57 16.62 4.55
N ALA A 170 24.23 15.70 5.48
CA ALA A 170 24.39 15.92 6.93
C ALA A 170 25.86 15.91 7.36
N ALA A 171 26.18 16.54 8.50
CA ALA A 171 27.55 16.63 9.00
C ALA A 171 28.12 15.29 9.43
N GLY A 172 29.38 15.05 9.06
CA GLY A 172 30.12 13.86 9.42
C GLY A 172 29.78 12.58 8.66
N VAL A 173 28.96 12.70 7.58
CA VAL A 173 28.59 11.58 6.71
C VAL A 173 29.87 11.17 5.94
N THR A 174 30.14 9.86 5.84
CA THR A 174 31.33 9.30 5.21
C THR A 174 30.92 8.37 4.08
N LEU A 175 31.88 7.92 3.24
CA LEU A 175 31.65 6.99 2.14
C LEU A 175 31.16 5.65 2.68
N MET A 176 31.74 5.18 3.79
CA MET A 176 31.34 3.94 4.45
C MET A 176 29.87 3.94 4.92
N ASP A 177 29.37 5.14 5.30
CA ASP A 177 27.99 5.39 5.70
C ASP A 177 27.06 5.35 4.49
N MET A 178 27.48 5.94 3.35
CA MET A 178 26.72 6.00 2.11
C MET A 178 26.55 4.62 1.48
N ILE A 179 27.61 3.80 1.52
CA ILE A 179 27.61 2.43 0.99
C ILE A 179 26.71 1.57 1.87
N ALA A 180 26.72 1.84 3.19
CA ALA A 180 25.88 1.11 4.14
C ALA A 180 24.39 1.40 3.91
N ASP A 181 24.03 2.62 3.44
CA ASP A 181 22.64 2.98 3.11
C ASP A 181 22.19 2.14 1.91
N LEU A 182 23.09 2.07 0.89
CA LEU A 182 22.88 1.29 -0.32
C LEU A 182 22.73 -0.19 0.05
N ARG A 183 23.68 -0.74 0.83
CA ARG A 183 23.70 -2.13 1.31
C ARG A 183 22.46 -2.54 2.12
N ASP A 184 21.88 -1.59 2.91
CA ASP A 184 20.63 -1.81 3.70
C ASP A 184 19.50 -2.12 2.74
N GLY A 185 19.43 -1.29 1.69
CA GLY A 185 18.46 -1.41 0.60
C GLY A 185 18.51 -2.75 -0.08
N GLN A 186 19.72 -3.27 -0.41
CA GLN A 186 19.86 -4.58 -1.06
C GLN A 186 19.56 -5.72 -0.12
N ARG A 187 19.87 -5.53 1.19
CA ARG A 187 19.56 -6.55 2.21
C ARG A 187 18.06 -6.59 2.46
N LEU A 188 17.37 -5.42 2.44
CA LEU A 188 15.90 -5.34 2.56
C LEU A 188 15.25 -5.97 1.33
N VAL A 189 15.87 -5.84 0.13
CA VAL A 189 15.37 -6.45 -1.11
C VAL A 189 15.51 -7.96 -0.96
N SER A 190 16.66 -8.45 -0.49
CA SER A 190 16.86 -9.89 -0.23
C SER A 190 15.75 -10.47 0.68
N ASP A 191 15.37 -9.74 1.75
CA ASP A 191 14.34 -10.09 2.73
C ASP A 191 12.91 -10.04 2.16
N LYS A 192 12.59 -8.99 1.40
CA LYS A 192 11.25 -8.72 0.88
C LYS A 192 10.91 -9.28 -0.51
N SER A 193 11.93 -9.59 -1.33
CA SER A 193 11.70 -10.12 -2.68
C SER A 193 11.41 -11.61 -2.66
N MET A 194 10.74 -12.11 -3.71
CA MET A 194 10.40 -13.53 -3.87
C MET A 194 11.65 -14.38 -3.88
N SER A 195 12.57 -14.11 -4.83
CA SER A 195 13.82 -14.85 -5.03
C SER A 195 14.86 -14.66 -3.93
N GLY A 196 14.98 -13.44 -3.41
CA GLY A 196 16.00 -13.09 -2.41
C GLY A 196 17.33 -12.74 -3.04
N THR A 197 17.30 -12.26 -4.29
CA THR A 197 18.45 -11.87 -5.11
C THR A 197 19.25 -10.76 -4.48
N VAL A 198 20.57 -10.85 -4.61
CA VAL A 198 21.49 -9.84 -4.12
C VAL A 198 21.69 -8.80 -5.24
N ILE A 199 21.28 -7.52 -4.97
CA ILE A 199 21.41 -6.41 -5.92
C ILE A 199 22.88 -6.11 -6.15
N ARG A 200 23.28 -5.97 -7.42
CA ARG A 200 24.63 -5.61 -7.80
C ARG A 200 24.69 -4.33 -8.67
N ASP A 201 23.52 -3.74 -9.07
CA ASP A 201 23.38 -2.52 -9.89
C ASP A 201 22.71 -1.39 -9.13
N TYR A 202 23.31 -0.19 -9.17
CA TYR A 202 22.86 1.00 -8.43
C TYR A 202 22.83 2.21 -9.35
N VAL A 203 21.66 2.56 -9.83
CA VAL A 203 21.45 3.68 -10.74
C VAL A 203 21.29 4.96 -9.90
N PHE A 204 22.28 5.84 -9.99
CA PHE A 204 22.29 7.13 -9.29
C PHE A 204 21.72 8.22 -10.21
N GLY A 205 20.97 9.15 -9.64
CA GLY A 205 20.58 10.36 -10.33
C GLY A 205 21.81 11.25 -10.27
N GLY A 206 21.88 12.27 -11.13
CA GLY A 206 23.03 13.19 -11.22
C GLY A 206 23.42 13.94 -9.95
N ASP A 207 22.43 14.37 -9.13
CA ASP A 207 22.65 15.10 -7.87
C ASP A 207 23.14 14.18 -6.76
N ALA A 208 22.61 12.92 -6.71
CA ALA A 208 22.97 11.86 -5.77
C ALA A 208 24.42 11.43 -6.04
N TRP A 209 24.77 11.30 -7.35
CA TRP A 209 26.12 10.93 -7.79
C TRP A 209 27.10 12.02 -7.37
N ASP A 210 26.81 13.31 -7.70
CA ASP A 210 27.60 14.48 -7.32
C ASP A 210 27.77 14.54 -5.79
N GLN A 211 26.74 14.12 -5.06
CA GLN A 211 26.76 14.07 -3.61
C GLN A 211 27.69 12.97 -3.16
N PHE A 212 27.51 11.73 -3.70
CA PHE A 212 28.34 10.56 -3.40
C PHE A 212 29.82 10.84 -3.70
N VAL A 213 30.11 11.64 -4.76
CA VAL A 213 31.48 12.05 -5.12
C VAL A 213 32.00 13.21 -4.25
N LYS A 214 31.09 14.10 -3.76
CA LYS A 214 31.49 15.20 -2.87
C LYS A 214 32.05 14.62 -1.56
N VAL A 215 31.33 13.62 -1.00
CA VAL A 215 31.66 12.95 0.26
C VAL A 215 32.75 11.89 0.11
N GLY A 216 32.62 11.02 -0.91
CA GLY A 216 33.52 9.91 -1.22
C GLY A 216 34.91 10.25 -1.74
N GLY A 217 35.05 11.40 -2.39
CA GLY A 217 36.31 11.92 -2.97
C GLY A 217 37.53 11.00 -3.10
N LYS A 218 38.53 11.22 -2.23
CA LYS A 218 39.81 10.50 -2.15
C LYS A 218 39.61 8.96 -1.97
N GLU A 219 38.71 8.57 -1.05
CA GLU A 219 38.36 7.19 -0.71
C GLU A 219 37.70 6.46 -1.87
N LEU A 220 37.12 7.21 -2.85
CA LEU A 220 36.39 6.65 -3.99
C LEU A 220 37.20 6.65 -5.28
N TRP A 221 37.82 7.78 -5.61
CA TRP A 221 38.56 7.91 -6.87
C TRP A 221 40.08 8.09 -6.77
N GLY A 222 40.62 8.09 -5.55
CA GLY A 222 42.04 8.29 -5.30
C GLY A 222 42.95 7.14 -5.69
N LYS A 223 44.24 7.21 -5.29
CA LYS A 223 45.26 6.19 -5.60
C LYS A 223 44.87 4.76 -5.16
N ASP A 224 44.07 4.67 -4.07
CA ASP A 224 43.55 3.45 -3.46
C ASP A 224 42.01 3.47 -3.45
N GLY A 225 41.44 4.07 -4.49
CA GLY A 225 40.01 4.19 -4.66
C GLY A 225 39.27 2.86 -4.62
N LEU A 226 37.98 2.93 -4.28
CA LEU A 226 37.10 1.76 -4.24
C LEU A 226 36.56 1.46 -5.64
N MET A 227 36.48 2.49 -6.50
CA MET A 227 36.02 2.38 -7.88
C MET A 227 37.01 1.64 -8.76
N ASP A 228 36.54 0.57 -9.41
CA ASP A 228 37.31 -0.22 -10.37
C ASP A 228 36.73 0.19 -11.74
N SER A 229 37.28 1.28 -12.32
CA SER A 229 36.91 1.94 -13.58
C SER A 229 37.18 1.12 -14.87
N THR A 230 38.00 0.06 -14.78
CA THR A 230 38.42 -0.81 -15.89
C THR A 230 37.25 -1.43 -16.68
N ASN A 237 28.29 -7.88 -22.07
CA ASN A 237 29.03 -6.65 -22.42
C ASN A 237 28.11 -5.39 -22.32
N VAL A 238 27.00 -5.48 -21.52
CA VAL A 238 25.96 -4.46 -21.22
C VAL A 238 26.46 -3.08 -20.68
N THR A 239 27.68 -3.06 -20.12
CA THR A 239 28.32 -1.87 -19.53
C THR A 239 28.95 -0.95 -20.58
N ARG A 240 29.23 -1.45 -21.80
CA ARG A 240 29.86 -0.68 -22.89
C ARG A 240 28.89 -0.32 -24.03
N LEU A 241 27.58 -0.60 -23.87
CA LEU A 241 26.58 -0.29 -24.90
C LEU A 241 26.09 1.15 -24.76
N TRP A 242 26.57 1.86 -23.72
CA TRP A 242 26.10 3.22 -23.38
C TRP A 242 27.09 4.34 -23.65
N ASP A 243 28.18 4.01 -24.33
CA ASP A 243 29.28 4.93 -24.67
C ASP A 243 28.76 6.12 -25.45
N ASP A 244 27.88 5.88 -26.45
CA ASP A 244 27.29 6.91 -27.29
C ASP A 244 25.88 7.33 -26.86
N VAL A 245 25.53 7.07 -25.59
CA VAL A 245 24.23 7.42 -25.05
C VAL A 245 24.36 8.58 -24.07
N GLU A 246 23.76 9.73 -24.39
CA GLU A 246 23.77 10.94 -23.55
C GLU A 246 22.71 10.72 -22.47
N GLY A 247 23.15 10.86 -21.23
CA GLY A 247 22.31 10.66 -20.06
C GLY A 247 22.71 9.45 -19.24
N VAL A 248 23.21 8.40 -19.89
CA VAL A 248 23.67 7.18 -19.25
C VAL A 248 25.19 7.17 -19.22
N GLN A 249 25.75 6.78 -18.06
CA GLN A 249 27.18 6.66 -17.76
C GLN A 249 27.40 5.45 -16.86
N TYR A 250 28.19 4.47 -17.31
CA TYR A 250 28.60 3.35 -16.50
C TYR A 250 29.90 3.81 -15.83
N MET A 251 29.92 3.87 -14.49
CA MET A 251 31.06 4.37 -13.70
C MET A 251 32.10 3.35 -13.29
N GLY A 252 31.74 2.08 -13.27
CA GLY A 252 32.58 0.97 -12.84
C GLY A 252 31.96 0.22 -11.68
N GLU A 253 32.69 -0.78 -11.18
CA GLU A 253 32.23 -1.56 -10.04
C GLU A 253 32.90 -0.98 -8.82
N LEU A 254 32.13 -0.75 -7.77
CA LEU A 254 32.60 -0.28 -6.47
C LEU A 254 33.08 -1.52 -5.71
N VAL A 255 34.40 -1.67 -5.56
CA VAL A 255 35.01 -2.84 -4.89
C VAL A 255 34.84 -2.77 -3.38
N GLY A 256 34.16 -3.80 -2.84
CA GLY A 256 33.89 -3.99 -1.42
C GLY A 256 34.26 -5.38 -0.93
N ALA A 257 34.99 -5.43 0.22
CA ALA A 257 35.50 -6.63 0.90
C ALA A 257 34.46 -7.72 1.20
N GLY A 261 31.40 -7.67 -1.97
CA GLY A 261 30.25 -7.26 -2.77
C GLY A 261 30.56 -6.11 -3.73
N ARG A 262 30.98 -6.44 -4.98
CA ARG A 262 31.36 -5.45 -6.00
C ARG A 262 30.17 -4.86 -6.76
N MET A 263 29.70 -3.69 -6.27
CA MET A 263 28.55 -2.92 -6.76
C MET A 263 28.76 -2.29 -8.15
N ARG A 264 27.81 -2.45 -9.12
CA ARG A 264 27.87 -1.78 -10.44
C ARG A 264 27.20 -0.42 -10.35
N ILE A 265 27.99 0.67 -10.61
CA ILE A 265 27.57 2.05 -10.50
C ILE A 265 27.17 2.65 -11.82
N TRP A 266 25.92 3.10 -11.88
CA TRP A 266 25.30 3.73 -13.03
C TRP A 266 24.87 5.11 -12.61
N VAL A 267 24.99 6.08 -13.53
CA VAL A 267 24.55 7.46 -13.34
C VAL A 267 23.59 7.78 -14.49
N ASN A 268 22.35 8.20 -14.17
CA ASN A 268 21.36 8.52 -15.18
C ASN A 268 20.93 9.98 -15.08
N THR A 269 21.18 10.72 -16.18
CA THR A 269 20.88 12.14 -16.36
C THR A 269 20.05 12.37 -17.61
N GLN A 270 19.33 11.33 -18.04
CA GLN A 270 18.49 11.35 -19.23
C GLN A 270 17.23 12.13 -19.02
N LYS A 271 16.85 12.88 -20.03
CA LYS A 271 15.64 13.69 -20.06
C LYS A 271 14.70 13.21 -21.15
N TYR A 272 13.42 13.43 -20.94
CA TYR A 272 12.37 13.07 -21.87
C TYR A 272 11.39 14.23 -21.97
N ARG A 273 10.43 14.19 -22.90
CA ARG A 273 9.49 15.29 -23.01
C ARG A 273 8.04 15.01 -22.59
N ASP A 274 7.49 15.92 -21.75
CA ASP A 274 6.11 15.97 -21.29
C ASP A 274 5.49 17.13 -22.07
N GLN A 275 4.19 17.05 -22.41
CA GLN A 275 3.47 18.09 -23.15
C GLN A 275 3.27 19.39 -22.34
N GLU A 279 9.84 18.78 -20.71
CA GLU A 279 11.10 18.03 -20.56
C GLU A 279 11.40 17.76 -19.10
N GLN A 280 11.47 16.47 -18.74
CA GLN A 280 11.72 16.01 -17.36
C GLN A 280 12.81 14.90 -17.32
N PHE A 281 13.37 14.65 -16.12
CA PHE A 281 14.36 13.60 -15.90
C PHE A 281 13.67 12.25 -15.73
N LEU A 282 14.20 11.25 -16.43
CA LEU A 282 13.74 9.88 -16.40
C LEU A 282 13.94 9.27 -14.99
N MET A 283 15.10 9.55 -14.37
CA MET A 283 15.49 9.07 -13.05
C MET A 283 15.39 10.22 -12.07
N LYS A 284 14.92 9.95 -10.83
CA LYS A 284 14.84 10.93 -9.75
C LYS A 284 16.30 11.31 -9.48
N GLN A 285 16.62 12.57 -9.75
CA GLN A 285 17.98 13.12 -9.66
C GLN A 285 18.63 13.12 -8.31
N LYS A 286 17.83 13.36 -7.24
CA LYS A 286 18.29 13.39 -5.86
C LYS A 286 18.14 12.04 -5.11
N ALA A 287 18.02 10.95 -5.89
CA ALA A 287 17.86 9.60 -5.37
C ALA A 287 18.72 8.55 -6.08
N VAL A 288 18.86 7.35 -5.43
CA VAL A 288 19.59 6.20 -5.95
C VAL A 288 18.65 5.00 -6.00
N MET A 289 18.54 4.35 -7.17
CA MET A 289 17.73 3.15 -7.32
C MET A 289 18.64 1.94 -7.38
N GLY A 290 18.30 0.92 -6.60
CA GLY A 290 18.97 -0.37 -6.58
C GLY A 290 18.06 -1.33 -7.28
N ILE A 291 18.60 -2.12 -8.20
CA ILE A 291 17.78 -3.01 -9.02
C ILE A 291 18.49 -4.32 -9.32
N SER A 292 17.68 -5.36 -9.45
CA SER A 292 18.09 -6.73 -9.76
C SER A 292 17.38 -7.17 -11.03
N SER A 293 17.91 -8.20 -11.70
CA SER A 293 17.34 -8.82 -12.90
C SER A 293 16.06 -9.59 -12.52
N ALA A 294 15.91 -9.91 -11.22
CA ALA A 294 14.78 -10.62 -10.60
C ALA A 294 13.48 -9.85 -10.65
N ILE A 295 13.54 -8.53 -10.98
CA ILE A 295 12.35 -7.70 -11.17
C ILE A 295 11.51 -8.33 -12.28
N GLU A 296 12.21 -8.98 -13.25
CA GLU A 296 11.71 -9.75 -14.39
C GLU A 296 10.50 -9.07 -15.02
N GLY A 297 10.64 -7.77 -15.19
CA GLY A 297 9.62 -6.87 -15.71
C GLY A 297 9.13 -7.35 -17.05
N VAL A 298 7.84 -7.17 -17.27
CA VAL A 298 7.19 -7.62 -18.49
C VAL A 298 6.59 -6.42 -19.21
N ARG A 299 6.93 -6.27 -20.50
CA ARG A 299 6.37 -5.26 -21.41
C ARG A 299 5.02 -5.84 -21.82
N CYS A 300 3.93 -5.33 -21.22
CA CYS A 300 2.57 -5.80 -21.51
C CYS A 300 1.91 -4.89 -22.55
N PHE A 301 1.18 -5.51 -23.51
CA PHE A 301 0.52 -4.78 -24.56
C PHE A 301 -0.88 -5.25 -24.86
N GLY A 302 -1.83 -4.33 -24.83
CA GLY A 302 -3.21 -4.61 -25.18
C GLY A 302 -3.32 -4.79 -26.68
N ALA A 303 -4.38 -5.49 -27.13
CA ALA A 303 -4.59 -5.68 -28.56
C ALA A 303 -5.31 -4.48 -29.12
N ILE A 304 -4.91 -4.06 -30.31
CA ILE A 304 -5.47 -2.90 -30.98
C ILE A 304 -6.64 -3.34 -31.85
N LEU A 305 -7.83 -2.94 -31.45
CA LEU A 305 -9.05 -3.25 -32.18
C LEU A 305 -9.06 -2.59 -33.56
N ASP A 306 -9.26 -3.41 -34.60
CA ASP A 306 -9.36 -2.97 -35.99
C ASP A 306 -10.76 -3.37 -36.48
N LYS A 307 -11.47 -2.45 -37.17
CA LYS A 307 -12.86 -2.61 -37.66
C LYS A 307 -13.16 -3.96 -38.33
N GLY A 308 -12.43 -4.26 -39.41
CA GLY A 308 -12.60 -5.49 -40.17
C GLY A 308 -11.67 -6.63 -39.78
N ALA A 309 -10.38 -6.32 -39.52
CA ALA A 309 -9.32 -7.28 -39.20
C ALA A 309 -9.34 -7.88 -37.78
N GLY A 310 -10.19 -7.32 -36.91
CA GLY A 310 -10.30 -7.74 -35.52
C GLY A 310 -9.15 -7.23 -34.69
N TYR A 311 -8.98 -7.79 -33.48
CA TYR A 311 -7.89 -7.38 -32.59
C TYR A 311 -6.50 -7.69 -33.15
N GLN A 312 -5.59 -6.73 -33.04
CA GLN A 312 -4.19 -6.86 -33.46
C GLN A 312 -3.29 -6.82 -32.21
N ALA A 313 -2.67 -7.95 -31.87
CA ALA A 313 -1.78 -8.06 -30.72
C ALA A 313 -0.37 -7.67 -31.14
N LEU A 314 -0.11 -6.34 -31.22
CA LEU A 314 1.18 -5.76 -31.61
C LEU A 314 1.66 -4.69 -30.62
N ASP A 315 3.01 -4.46 -30.52
CA ASP A 315 3.57 -3.41 -29.65
C ASP A 315 3.28 -2.00 -30.24
N TYR A 316 3.33 -1.88 -31.58
CA TYR A 316 2.90 -0.72 -32.36
C TYR A 316 2.26 -1.23 -33.64
N PHE A 317 1.28 -0.50 -34.10
CA PHE A 317 0.57 -0.94 -35.27
C PHE A 317 0.39 0.19 -36.29
N PRO A 318 1.25 0.24 -37.37
CA PRO A 318 1.10 1.31 -38.38
C PRO A 318 -0.05 1.14 -39.40
N LYS A 319 -0.82 2.20 -39.57
CA LYS A 319 -1.92 2.24 -40.53
C LYS A 319 -1.89 3.53 -41.34
N MET A 320 -1.97 3.37 -42.66
CA MET A 320 -1.97 4.42 -43.65
C MET A 320 -3.34 4.46 -44.35
N TRP A 321 -3.78 5.67 -44.76
CA TRP A 321 -5.05 5.86 -45.47
C TRP A 321 -5.19 7.24 -46.11
N ASP A 322 -6.06 7.31 -47.14
CA ASP A 322 -6.42 8.55 -47.82
C ASP A 322 -7.74 9.00 -47.22
N GLN A 323 -7.91 10.32 -47.06
CA GLN A 323 -9.18 10.85 -46.58
C GLN A 323 -9.51 12.22 -47.18
N GLU A 324 -10.74 12.69 -46.95
CA GLU A 324 -11.26 13.99 -47.32
C GLU A 324 -11.68 14.65 -45.99
N ASP A 325 -11.74 15.99 -45.96
CA ASP A 325 -12.09 16.81 -44.80
C ASP A 325 -11.17 16.57 -43.57
N PRO A 326 -9.86 16.89 -43.64
CA PRO A 326 -9.11 17.47 -44.77
C PRO A 326 -8.71 16.43 -45.83
N SER A 327 -8.45 16.89 -47.06
CA SER A 327 -8.05 16.03 -48.17
C SER A 327 -6.54 15.75 -48.09
N VAL A 328 -6.17 14.81 -47.21
CA VAL A 328 -4.78 14.43 -46.95
C VAL A 328 -4.62 12.92 -46.81
N GLU A 329 -3.37 12.46 -46.79
CA GLU A 329 -3.06 11.08 -46.45
C GLU A 329 -2.44 11.08 -45.05
N TYR A 330 -2.87 10.12 -44.22
CA TYR A 330 -2.42 10.00 -42.83
C TYR A 330 -1.70 8.69 -42.61
N LEU A 331 -0.84 8.68 -41.60
CA LEU A 331 -0.11 7.54 -41.09
C LEU A 331 -0.31 7.57 -39.59
N MET A 332 -0.75 6.45 -39.02
CA MET A 332 -0.95 6.34 -37.58
C MET A 332 -0.51 4.99 -37.03
N SER A 333 0.45 5.03 -36.06
CA SER A 333 1.00 3.89 -35.32
C SER A 333 0.31 3.81 -33.95
N GLN A 334 -0.61 2.83 -33.75
CA GLN A 334 -1.35 2.65 -32.49
C GLN A 334 -0.73 1.53 -31.64
N GLY A 335 -0.74 1.73 -30.34
CA GLY A 335 -0.23 0.81 -29.34
C GLY A 335 -0.86 1.07 -27.99
N ALA A 336 -0.99 0.04 -27.17
CA ALA A 336 -1.57 0.15 -25.83
C ALA A 336 -0.64 -0.49 -24.74
N PRO A 337 0.45 0.19 -24.35
CA PRO A 337 1.40 -0.41 -23.39
C PRO A 337 1.20 -0.20 -21.87
N LEU A 338 1.91 -1.04 -21.09
CA LEU A 338 2.09 -1.03 -19.63
C LEU A 338 3.29 -1.88 -19.30
N MET A 339 4.22 -1.32 -18.52
CA MET A 339 5.43 -2.02 -18.10
C MET A 339 5.18 -2.47 -16.65
N VAL A 340 4.84 -3.76 -16.49
CA VAL A 340 4.51 -4.39 -15.21
C VAL A 340 5.67 -5.22 -14.62
N PRO A 341 6.11 -4.96 -13.37
CA PRO A 341 7.17 -5.78 -12.78
C PRO A 341 6.63 -7.11 -12.25
N ALA A 342 7.32 -8.22 -12.55
CA ALA A 342 6.94 -9.56 -12.08
C ALA A 342 7.14 -9.59 -10.56
N ASP A 343 8.33 -9.15 -10.08
CA ASP A 343 8.64 -9.04 -8.67
C ASP A 343 8.76 -7.53 -8.30
N PRO A 344 7.65 -6.88 -7.84
CA PRO A 344 7.73 -5.45 -7.52
C PRO A 344 8.71 -5.10 -6.41
N ASN A 345 9.03 -6.09 -5.56
CA ASN A 345 9.91 -5.99 -4.39
C ASN A 345 11.38 -6.28 -4.74
N ALA A 346 11.70 -6.47 -6.04
CA ALA A 346 13.06 -6.77 -6.47
C ALA A 346 13.92 -5.52 -6.78
N SER A 347 13.46 -4.34 -6.28
CA SER A 347 14.12 -3.04 -6.44
C SER A 347 13.76 -2.08 -5.29
N PHE A 348 14.62 -1.08 -5.03
CA PHE A 348 14.42 -0.05 -4.00
C PHE A 348 14.86 1.32 -4.52
N LEU A 349 14.34 2.39 -3.92
CA LEU A 349 14.72 3.77 -4.18
C LEU A 349 15.07 4.40 -2.84
N LEU A 350 16.16 5.15 -2.81
CA LEU A 350 16.70 5.81 -1.61
C LEU A 350 16.91 7.28 -1.96
N THR A 351 16.08 8.17 -1.40
CA THR A 351 16.23 9.61 -1.64
C THR A 351 17.38 10.06 -0.72
N VAL A 352 18.29 10.91 -1.23
CA VAL A 352 19.48 11.35 -0.48
C VAL A 352 19.58 12.86 -0.10
N MET A 353 18.79 13.71 -0.75
CA MET A 353 18.79 15.16 -0.54
C MET A 353 17.37 15.69 -0.69
N SER A 354 17.21 17.04 -0.55
CA SER A 354 15.94 17.75 -0.66
C SER A 354 16.08 19.06 -1.45
N LEU B 4 21.11 -15.94 25.80
CA LEU B 4 19.68 -16.29 25.88
C LEU B 4 19.01 -15.63 27.08
N TYR B 5 17.75 -15.14 26.88
CA TYR B 5 16.98 -14.46 27.93
C TYR B 5 15.66 -15.17 28.26
N THR B 6 15.29 -15.14 29.52
CA THR B 6 14.06 -15.79 29.99
C THR B 6 12.86 -14.89 29.66
N THR B 7 11.62 -15.46 29.73
CA THR B 7 10.36 -14.74 29.59
C THR B 7 10.36 -13.57 30.58
N TYR B 8 10.72 -13.81 31.85
CA TYR B 8 10.81 -12.82 32.94
C TYR B 8 11.58 -11.58 32.47
N GLN B 9 12.83 -11.77 31.97
CA GLN B 9 13.72 -10.70 31.51
C GLN B 9 13.14 -9.89 30.33
N LEU B 10 12.60 -10.62 29.33
CA LEU B 10 11.97 -10.09 28.12
C LEU B 10 10.73 -9.29 28.48
N LEU B 11 9.95 -9.76 29.49
CA LEU B 11 8.78 -9.04 29.98
C LEU B 11 9.16 -7.70 30.63
N GLU B 12 10.33 -7.64 31.30
CA GLU B 12 10.84 -6.41 31.92
C GLU B 12 11.08 -5.34 30.83
N VAL B 13 11.69 -5.77 29.72
CA VAL B 13 11.97 -4.92 28.55
C VAL B 13 10.66 -4.56 27.81
N GLN B 14 9.85 -5.55 27.42
CA GLN B 14 8.58 -5.34 26.69
C GLN B 14 7.57 -4.48 27.43
N ARG B 15 7.42 -4.68 28.73
CA ARG B 15 6.46 -3.92 29.51
C ARG B 15 6.92 -2.49 29.90
N LYS B 16 8.24 -2.19 29.90
CA LYS B 16 8.83 -0.89 30.29
C LYS B 16 8.45 0.37 29.49
N LEU B 17 8.36 0.27 28.15
CA LEU B 17 8.05 1.43 27.32
C LEU B 17 6.57 1.69 27.20
N LYS B 18 6.21 2.94 26.82
CA LYS B 18 4.84 3.41 26.61
C LYS B 18 4.50 3.33 25.11
N THR B 19 3.25 2.95 24.80
CA THR B 19 2.76 2.83 23.41
C THR B 19 1.66 3.85 23.11
N LEU B 20 1.72 4.53 21.92
CA LEU B 20 0.73 5.54 21.52
C LEU B 20 -0.71 5.11 21.80
N PRO B 21 -1.55 6.00 22.38
CA PRO B 21 -2.94 5.59 22.70
C PRO B 21 -3.77 5.02 21.55
N ALA B 22 -4.63 4.02 21.90
CA ALA B 22 -5.54 3.33 20.98
C ALA B 22 -6.91 3.96 21.04
N PHE B 23 -7.49 4.26 19.86
CA PHE B 23 -8.80 4.90 19.78
C PHE B 23 -9.97 4.10 20.28
N PHE B 24 -10.34 3.02 19.60
CA PHE B 24 -11.53 2.24 19.96
C PHE B 24 -11.39 1.42 21.28
N LEU B 25 -10.14 1.20 21.77
CA LEU B 25 -9.92 0.49 23.05
C LEU B 25 -10.34 1.35 24.24
N GLN B 26 -10.51 2.69 24.03
CA GLN B 26 -10.90 3.65 25.08
C GLN B 26 -12.22 3.28 25.75
N TRP B 27 -13.02 2.44 25.06
CA TRP B 27 -14.32 1.91 25.45
C TRP B 27 -14.26 0.43 25.87
N PHE B 28 -13.03 -0.11 25.93
CA PHE B 28 -12.77 -1.47 26.38
C PHE B 28 -11.76 -1.39 27.58
N PRO B 29 -12.17 -0.76 28.73
CA PRO B 29 -11.23 -0.58 29.85
C PRO B 29 -11.07 -1.76 30.81
N ARG B 30 -12.07 -2.63 30.89
CA ARG B 30 -12.06 -3.81 31.76
C ARG B 30 -11.19 -4.90 31.11
N GLN B 31 -10.69 -5.86 31.92
CA GLN B 31 -9.85 -6.96 31.43
C GLN B 31 -10.00 -8.25 32.23
N ILE B 32 -10.11 -9.38 31.53
CA ILE B 32 -10.17 -10.69 32.16
C ILE B 32 -9.13 -11.58 31.53
N ASN B 33 -8.15 -12.02 32.33
CA ASN B 33 -7.11 -12.96 31.92
C ASN B 33 -7.57 -14.35 32.42
N PHE B 34 -8.28 -15.09 31.55
CA PHE B 34 -8.82 -16.40 31.84
C PHE B 34 -7.71 -17.43 32.18
N GLN B 35 -7.98 -18.38 33.10
CA GLN B 35 -6.97 -19.35 33.56
C GLN B 35 -6.70 -20.56 32.65
N GLU B 36 -7.70 -20.96 31.87
CA GLU B 36 -7.55 -22.06 30.91
C GLU B 36 -7.59 -21.53 29.45
N ASP B 37 -7.71 -22.43 28.46
CA ASP B 37 -7.72 -22.13 27.03
C ASP B 37 -8.99 -21.44 26.50
N MET B 38 -10.10 -21.50 27.29
CA MET B 38 -11.42 -20.95 26.96
C MET B 38 -11.76 -19.61 27.61
N ILE B 39 -12.62 -18.83 26.92
CA ILE B 39 -13.18 -17.53 27.33
C ILE B 39 -14.67 -17.76 27.65
N ALA B 40 -15.15 -17.32 28.84
CA ALA B 40 -16.56 -17.48 29.22
C ALA B 40 -17.29 -16.16 29.12
N PHE B 41 -18.29 -16.11 28.21
CA PHE B 41 -19.11 -14.93 27.96
C PHE B 41 -20.04 -14.61 29.11
N ASP B 42 -20.45 -15.66 29.86
CA ASP B 42 -21.27 -15.52 31.07
C ASP B 42 -20.57 -14.65 32.12
N LYS B 43 -19.21 -14.60 32.08
CA LYS B 43 -18.37 -13.80 32.95
C LYS B 43 -18.09 -12.39 32.34
N VAL B 44 -18.66 -12.09 31.14
CA VAL B 44 -18.45 -10.81 30.44
C VAL B 44 -19.75 -10.04 30.08
N ILE B 45 -20.62 -10.69 29.28
CA ILE B 45 -21.88 -10.12 28.78
C ILE B 45 -22.93 -9.94 29.86
N GLN B 46 -23.54 -8.73 29.92
CA GLN B 46 -24.57 -8.31 30.89
C GLN B 46 -25.94 -8.96 30.65
N ASP B 47 -26.47 -8.87 29.40
CA ASP B 47 -27.79 -9.40 29.02
C ASP B 47 -27.80 -10.93 29.17
N VAL B 48 -28.59 -11.42 30.15
CA VAL B 48 -28.75 -12.84 30.50
C VAL B 48 -29.28 -13.72 29.33
N THR B 49 -29.82 -13.11 28.26
CA THR B 49 -30.30 -13.81 27.07
C THR B 49 -29.21 -13.84 26.00
N ARG B 50 -28.34 -12.80 25.99
CA ARG B 50 -27.24 -12.62 25.03
C ARG B 50 -25.89 -13.17 25.53
N VAL B 51 -25.92 -13.97 26.61
CA VAL B 51 -24.75 -14.60 27.22
C VAL B 51 -24.16 -15.78 26.36
N ALA B 52 -24.87 -16.23 25.27
CA ALA B 52 -24.45 -17.30 24.33
C ALA B 52 -24.28 -16.79 22.86
N PRO B 53 -23.21 -16.00 22.54
CA PRO B 53 -23.04 -15.46 21.17
C PRO B 53 -23.09 -16.46 20.03
N PHE B 54 -23.41 -16.01 18.81
CA PHE B 54 -23.44 -16.90 17.65
C PHE B 54 -22.08 -16.91 16.92
N VAL B 55 -21.42 -18.09 16.87
CA VAL B 55 -20.12 -18.28 16.21
C VAL B 55 -20.29 -19.19 14.97
N ALA B 56 -19.92 -18.68 13.78
CA ALA B 56 -20.07 -19.39 12.51
C ALA B 56 -18.85 -19.21 11.59
N PRO B 57 -18.53 -20.20 10.71
CA PRO B 57 -17.43 -20.01 9.75
C PRO B 57 -17.69 -18.87 8.77
N ASN B 58 -16.62 -18.18 8.38
CA ASN B 58 -16.66 -17.10 7.42
C ASN B 58 -15.82 -17.56 6.22
N VAL B 59 -16.50 -18.25 5.31
CA VAL B 59 -15.91 -18.87 4.12
C VAL B 59 -16.12 -18.05 2.84
N GLN B 60 -14.99 -17.61 2.23
CA GLN B 60 -14.91 -16.79 1.02
C GLN B 60 -15.70 -15.47 1.19
N GLY B 61 -15.55 -14.86 2.35
CA GLY B 61 -16.22 -13.61 2.71
C GLY B 61 -17.61 -13.79 3.28
N ARG B 62 -18.29 -14.88 2.88
CA ARG B 62 -19.65 -15.21 3.34
C ARG B 62 -19.64 -15.99 4.66
N VAL B 63 -20.46 -15.54 5.62
CA VAL B 63 -20.61 -16.21 6.92
C VAL B 63 -21.52 -17.41 6.68
N ILE B 64 -21.03 -18.62 7.03
CA ILE B 64 -21.76 -19.88 6.89
C ILE B 64 -22.54 -20.19 8.18
N LYS B 65 -23.71 -19.53 8.34
CA LYS B 65 -24.60 -19.64 9.50
C LYS B 65 -25.07 -21.07 9.82
N GLU B 66 -25.28 -21.89 8.77
CA GLU B 66 -25.73 -23.29 8.83
C GLU B 66 -24.82 -24.13 9.75
N SER B 67 -23.48 -24.06 9.53
CA SER B 67 -22.45 -24.75 10.34
C SER B 67 -22.03 -23.96 11.59
N GLY B 68 -22.90 -23.03 12.00
CA GLY B 68 -22.71 -22.19 13.17
C GLY B 68 -23.54 -22.60 14.37
N TYR B 69 -23.15 -22.09 15.55
CA TYR B 69 -23.82 -22.38 16.82
C TYR B 69 -23.74 -21.24 17.82
N ASN B 70 -24.58 -21.29 18.84
CA ASN B 70 -24.57 -20.34 19.93
C ASN B 70 -23.72 -21.01 20.98
N THR B 71 -22.83 -20.26 21.64
CA THR B 71 -21.94 -20.81 22.65
C THR B 71 -21.69 -19.83 23.79
N LYS B 72 -21.75 -20.33 25.02
CA LYS B 72 -21.52 -19.54 26.23
C LYS B 72 -20.00 -19.35 26.43
N THR B 73 -19.19 -20.20 25.76
CA THR B 73 -17.72 -20.25 25.86
C THR B 73 -16.99 -20.22 24.47
N PHE B 74 -15.80 -19.58 24.42
CA PHE B 74 -15.02 -19.45 23.18
C PHE B 74 -13.57 -19.80 23.36
N LYS B 75 -12.95 -20.48 22.37
CA LYS B 75 -11.52 -20.81 22.37
C LYS B 75 -10.78 -19.82 21.45
N PRO B 76 -10.15 -18.75 22.01
CA PRO B 76 -9.45 -17.78 21.14
C PRO B 76 -8.18 -18.33 20.51
N ALA B 77 -7.98 -18.04 19.22
CA ALA B 77 -6.81 -18.45 18.47
C ALA B 77 -5.62 -17.57 18.89
N TYR B 78 -4.42 -18.16 18.93
CA TYR B 78 -3.16 -17.51 19.34
C TYR B 78 -2.69 -16.47 18.33
N VAL B 79 -2.30 -15.28 18.82
CA VAL B 79 -1.70 -14.19 18.03
C VAL B 79 -0.24 -14.46 18.30
N LYS B 80 0.52 -14.93 17.29
CA LYS B 80 1.89 -15.35 17.58
C LYS B 80 3.04 -14.84 16.69
N PRO B 81 3.37 -13.52 16.71
CA PRO B 81 4.51 -13.03 15.91
C PRO B 81 5.81 -13.74 16.27
N LYS B 82 6.51 -14.29 15.27
CA LYS B 82 7.79 -14.99 15.48
C LYS B 82 8.80 -14.48 14.49
N HIS B 83 9.92 -13.96 15.01
CA HIS B 83 10.99 -13.41 14.20
C HIS B 83 12.35 -13.93 14.59
N VAL B 84 13.20 -14.14 13.57
CA VAL B 84 14.56 -14.60 13.76
C VAL B 84 15.33 -13.41 14.38
N ILE B 85 16.19 -13.69 15.38
CA ILE B 85 16.99 -12.63 15.99
C ILE B 85 18.29 -12.56 15.22
N ASP B 86 18.38 -11.59 14.32
CA ASP B 86 19.58 -11.34 13.53
C ASP B 86 20.26 -10.08 14.10
N PRO B 87 21.49 -10.20 14.69
CA PRO B 87 22.18 -9.01 15.22
C PRO B 87 22.48 -7.94 14.16
N ASN B 88 22.59 -8.37 12.88
CA ASN B 88 22.87 -7.52 11.73
C ASN B 88 21.61 -6.82 11.17
N MET B 89 20.45 -6.94 11.85
CA MET B 89 19.17 -6.38 11.42
C MET B 89 19.15 -4.85 11.28
N ILE B 90 18.45 -4.38 10.23
CA ILE B 90 18.29 -2.96 9.90
C ILE B 90 17.27 -2.32 10.85
N ILE B 91 17.75 -1.45 11.76
CA ILE B 91 16.96 -0.71 12.75
C ILE B 91 17.18 0.80 12.57
N PRO B 92 16.09 1.60 12.39
CA PRO B 92 16.25 3.05 12.17
C PRO B 92 16.78 3.93 13.31
N ARG B 93 16.82 3.42 14.57
CA ARG B 93 17.26 4.15 15.78
C ARG B 93 16.43 5.39 16.06
N SER B 105 30.50 -4.40 20.84
CA SER B 105 29.25 -3.97 20.21
C SER B 105 28.40 -5.12 19.63
N ILE B 106 28.96 -6.35 19.47
CA ILE B 106 28.19 -7.49 18.92
C ILE B 106 27.04 -7.93 19.86
N ALA B 107 27.34 -8.10 21.17
CA ALA B 107 26.38 -8.48 22.19
C ALA B 107 25.39 -7.34 22.43
N GLN B 108 25.87 -6.09 22.30
CA GLN B 108 25.15 -4.83 22.47
C GLN B 108 24.12 -4.68 21.35
N ARG B 109 24.52 -5.05 20.10
CA ARG B 109 23.75 -5.04 18.86
C ARG B 109 22.57 -6.03 18.93
N ARG B 110 22.83 -7.26 19.43
CA ARG B 110 21.89 -8.36 19.65
C ARG B 110 20.75 -7.89 20.58
N ASP B 111 21.09 -7.35 21.79
CA ASP B 111 20.14 -6.81 22.78
C ASP B 111 19.23 -5.72 22.21
N ARG B 112 19.80 -4.83 21.37
CA ARG B 112 19.12 -3.73 20.68
C ARG B 112 18.08 -4.29 19.70
N VAL B 113 18.41 -5.41 19.02
CA VAL B 113 17.51 -6.10 18.08
C VAL B 113 16.36 -6.76 18.85
N ILE B 114 16.70 -7.42 20.02
CA ILE B 114 15.75 -8.10 20.90
C ILE B 114 14.67 -7.12 21.38
N ALA B 115 15.10 -5.92 21.84
CA ALA B 115 14.24 -4.85 22.35
C ALA B 115 13.32 -4.23 21.24
N TYR B 116 13.83 -4.09 20.01
CA TYR B 116 13.08 -3.59 18.86
C TYR B 116 12.00 -4.61 18.51
N LEU B 117 12.40 -5.90 18.40
CA LEU B 117 11.49 -6.99 18.09
C LEU B 117 10.40 -7.16 19.17
N LEU B 118 10.75 -7.02 20.48
CA LEU B 118 9.75 -7.12 21.54
C LEU B 118 8.75 -5.97 21.46
N MET B 119 9.22 -4.75 21.11
CA MET B 119 8.39 -3.56 20.90
C MET B 119 7.40 -3.80 19.71
N LYS B 120 7.93 -4.37 18.62
CA LYS B 120 7.17 -4.74 17.42
C LYS B 120 6.11 -5.80 17.75
N HIS B 121 6.45 -6.77 18.61
CA HIS B 121 5.57 -7.84 19.06
C HIS B 121 4.44 -7.28 19.94
N ARG B 122 4.79 -6.36 20.86
CA ARG B 122 3.83 -5.70 21.75
C ARG B 122 2.82 -4.88 20.95
N ALA B 123 3.31 -4.22 19.88
CA ALA B 123 2.51 -3.42 18.96
C ALA B 123 1.55 -4.28 18.20
N MET B 124 2.01 -5.47 17.70
CA MET B 124 1.19 -6.42 16.95
C MET B 124 0.02 -6.92 17.78
N HIS B 125 0.24 -7.19 19.10
CA HIS B 125 -0.83 -7.62 20.00
C HIS B 125 -1.77 -6.44 20.27
N GLU B 126 -1.20 -5.26 20.63
CA GLU B 126 -1.99 -4.07 20.91
C GLU B 126 -2.85 -3.64 19.75
N ASN B 127 -2.28 -3.70 18.53
CA ASN B 127 -2.96 -3.34 17.29
C ASN B 127 -4.05 -4.31 16.93
N THR B 128 -3.91 -5.58 17.31
CA THR B 128 -4.91 -6.63 17.13
C THR B 128 -6.08 -6.34 18.05
N TRP B 129 -5.83 -5.84 19.28
CA TRP B 129 -6.86 -5.52 20.27
C TRP B 129 -7.70 -4.39 19.75
N GLU B 130 -7.03 -3.34 19.26
CA GLU B 130 -7.62 -2.14 18.66
C GLU B 130 -8.55 -2.49 17.51
N TRP B 131 -8.09 -3.32 16.51
CA TRP B 131 -8.96 -3.70 15.40
C TRP B 131 -10.14 -4.55 15.81
N MET B 132 -9.97 -5.40 16.85
CA MET B 132 -11.04 -6.25 17.42
C MET B 132 -12.01 -5.38 18.20
N ALA B 133 -11.52 -4.38 18.94
CA ALA B 133 -12.34 -3.44 19.70
C ALA B 133 -13.20 -2.60 18.73
N ALA B 134 -12.60 -2.23 17.56
CA ALA B 134 -13.18 -1.45 16.45
C ALA B 134 -14.36 -2.15 15.82
N GLN B 135 -14.15 -3.41 15.42
CA GLN B 135 -15.14 -4.31 14.81
C GLN B 135 -16.28 -4.60 15.78
N ALA B 136 -15.95 -4.88 17.06
CA ALA B 136 -16.95 -5.19 18.09
C ALA B 136 -17.88 -4.00 18.31
N ALA B 137 -17.31 -2.79 18.48
CA ALA B 137 -18.06 -1.55 18.68
C ALA B 137 -18.91 -1.17 17.44
N GLN B 138 -18.28 -1.11 16.24
CA GLN B 138 -18.98 -0.77 15.00
C GLN B 138 -20.10 -1.73 14.61
N TYR B 139 -19.80 -3.05 14.52
CA TYR B 139 -20.73 -4.06 14.01
C TYR B 139 -21.52 -4.90 14.98
N GLY B 140 -21.02 -5.11 16.19
CA GLY B 140 -21.67 -5.96 17.17
C GLY B 140 -21.29 -7.40 16.95
N TYR B 141 -20.22 -7.58 16.18
CA TYR B 141 -19.63 -8.84 15.83
C TYR B 141 -18.22 -8.57 15.41
N VAL B 142 -17.39 -9.61 15.43
CA VAL B 142 -15.99 -9.51 15.05
C VAL B 142 -15.55 -10.77 14.30
N ASP B 143 -14.78 -10.57 13.24
CA ASP B 143 -14.23 -11.65 12.43
C ASP B 143 -12.80 -11.92 12.90
N VAL B 144 -12.58 -13.12 13.42
CA VAL B 144 -11.32 -13.60 14.02
C VAL B 144 -10.90 -14.95 13.42
N GLN B 145 -9.72 -15.42 13.80
CA GLN B 145 -9.18 -16.71 13.42
C GLN B 145 -9.92 -17.81 14.21
N GLY B 146 -10.28 -18.88 13.52
CA GLY B 146 -10.99 -20.00 14.11
C GLY B 146 -10.06 -21.12 14.52
N GLN B 147 -10.66 -22.20 15.06
CA GLN B 147 -9.91 -23.38 15.51
C GLN B 147 -9.85 -24.44 14.42
N ASP B 148 -10.94 -24.62 13.66
CA ASP B 148 -10.98 -25.56 12.53
C ASP B 148 -11.06 -24.81 11.18
N TYR B 149 -11.53 -23.53 11.21
CA TYR B 149 -11.66 -22.65 10.04
C TYR B 149 -10.67 -21.51 10.13
N PRO B 150 -10.12 -20.99 9.01
CA PRO B 150 -9.14 -19.87 9.11
C PRO B 150 -9.74 -18.59 9.67
N LEU B 151 -11.05 -18.38 9.45
CA LEU B 151 -11.76 -17.22 9.93
C LEU B 151 -13.18 -17.56 10.29
N VAL B 152 -13.59 -17.10 11.49
CA VAL B 152 -14.94 -17.25 12.05
C VAL B 152 -15.47 -15.88 12.52
N ARG B 153 -16.80 -15.71 12.50
CA ARG B 153 -17.47 -14.51 12.99
C ARG B 153 -18.09 -14.83 14.35
N VAL B 154 -17.79 -13.98 15.35
CA VAL B 154 -18.33 -14.04 16.70
C VAL B 154 -19.38 -12.91 16.74
N ASP B 155 -20.69 -13.24 16.61
CA ASP B 155 -21.77 -12.23 16.61
C ASP B 155 -22.26 -12.03 18.05
N PHE B 156 -22.08 -10.81 18.63
CA PHE B 156 -22.49 -10.57 20.02
C PHE B 156 -24.00 -10.29 20.24
N GLY B 157 -24.77 -10.36 19.15
CA GLY B 157 -26.22 -10.18 19.14
C GLY B 157 -26.71 -8.79 19.47
N ARG B 158 -26.17 -7.77 18.79
CA ARG B 158 -26.63 -6.40 18.97
C ARG B 158 -27.97 -6.30 18.24
N ASP B 159 -28.95 -5.57 18.82
CA ASP B 159 -30.27 -5.38 18.20
C ASP B 159 -30.10 -4.92 16.75
N ALA B 160 -30.78 -5.62 15.81
CA ALA B 160 -30.75 -5.36 14.36
C ALA B 160 -31.17 -3.93 13.98
N ALA B 161 -31.93 -3.22 14.88
CA ALA B 161 -32.38 -1.85 14.67
C ALA B 161 -31.19 -0.88 14.86
N LEU B 162 -30.08 -1.35 15.48
CA LEU B 162 -28.88 -0.56 15.73
C LEU B 162 -27.86 -0.59 14.60
N THR B 163 -28.25 -1.20 13.46
CA THR B 163 -27.47 -1.23 12.22
C THR B 163 -28.37 -0.62 11.14
N MET B 164 -28.17 0.69 10.93
CA MET B 164 -28.98 1.50 10.05
C MET B 164 -28.29 1.85 8.74
N THR B 165 -29.10 2.37 7.82
CA THR B 165 -28.75 2.78 6.47
C THR B 165 -29.62 3.97 6.16
N THR B 166 -28.99 5.00 5.57
CA THR B 166 -29.56 6.25 5.08
C THR B 166 -28.73 6.73 3.90
N ASP B 167 -29.20 7.78 3.20
CA ASP B 167 -28.45 8.32 2.06
C ASP B 167 -28.24 9.84 2.15
N TRP B 168 -27.11 10.24 2.76
CA TRP B 168 -26.74 11.64 2.91
C TRP B 168 -26.41 12.34 1.58
N THR B 169 -26.34 11.56 0.50
CA THR B 169 -26.09 12.09 -0.85
C THR B 169 -27.40 12.35 -1.64
N ALA B 170 -28.59 12.07 -1.05
CA ALA B 170 -29.89 12.26 -1.72
C ALA B 170 -30.26 13.73 -1.83
N ALA B 171 -31.15 14.08 -2.79
CA ALA B 171 -31.62 15.43 -3.04
C ALA B 171 -32.37 16.04 -1.86
N GLY B 172 -32.02 17.30 -1.56
CA GLY B 172 -32.62 18.12 -0.52
C GLY B 172 -32.30 17.77 0.92
N VAL B 173 -31.31 16.86 1.14
CA VAL B 173 -30.88 16.48 2.49
C VAL B 173 -30.21 17.74 3.13
N THR B 174 -30.52 17.98 4.43
CA THR B 174 -30.03 19.12 5.19
C THR B 174 -29.29 18.65 6.42
N LEU B 175 -28.60 19.56 7.14
CA LEU B 175 -27.89 19.28 8.37
C LEU B 175 -28.84 18.84 9.47
N MET B 176 -30.01 19.45 9.55
CA MET B 176 -31.05 19.10 10.52
C MET B 176 -31.53 17.65 10.34
N ASP B 177 -31.52 17.16 9.09
CA ASP B 177 -31.89 15.79 8.68
C ASP B 177 -30.80 14.82 9.09
N MET B 178 -29.51 15.21 8.91
CA MET B 178 -28.35 14.39 9.25
C MET B 178 -28.22 14.18 10.76
N ILE B 179 -28.46 15.25 11.54
CA ILE B 179 -28.40 15.23 13.01
C ILE B 179 -29.55 14.38 13.52
N ALA B 180 -30.71 14.43 12.86
CA ALA B 180 -31.87 13.62 13.22
C ALA B 180 -31.62 12.14 13.02
N ASP B 181 -30.82 11.75 12.01
CA ASP B 181 -30.43 10.35 11.75
C ASP B 181 -29.56 9.87 12.92
N LEU B 182 -28.59 10.70 13.32
CA LEU B 182 -27.69 10.46 14.45
C LEU B 182 -28.49 10.33 15.73
N ARG B 183 -29.39 11.31 16.01
CA ARG B 183 -30.26 11.35 17.18
C ARG B 183 -31.20 10.13 17.32
N ASP B 184 -31.69 9.59 16.19
CA ASP B 184 -32.53 8.38 16.15
C ASP B 184 -31.75 7.20 16.75
N GLY B 185 -30.48 7.05 16.38
CA GLY B 185 -29.59 6.03 16.92
C GLY B 185 -29.33 6.21 18.39
N GLN B 186 -29.05 7.46 18.81
CA GLN B 186 -28.84 7.86 20.20
C GLN B 186 -30.05 7.42 21.06
N ARG B 187 -31.26 7.60 20.51
CA ARG B 187 -32.55 7.29 21.15
C ARG B 187 -32.89 5.80 21.11
N LEU B 188 -32.57 5.11 20.00
CA LEU B 188 -32.74 3.65 19.88
C LEU B 188 -31.79 2.95 20.83
N VAL B 189 -30.59 3.51 21.08
CA VAL B 189 -29.61 2.95 22.02
C VAL B 189 -30.20 3.09 23.43
N SER B 190 -30.75 4.27 23.77
CA SER B 190 -31.40 4.49 25.06
C SER B 190 -32.51 3.44 25.35
N ASP B 191 -33.31 3.11 24.31
CA ASP B 191 -34.39 2.14 24.35
C ASP B 191 -33.93 0.68 24.45
N LYS B 192 -32.90 0.32 23.66
CA LYS B 192 -32.39 -1.05 23.54
C LYS B 192 -31.25 -1.46 24.48
N SER B 193 -30.50 -0.48 25.05
CA SER B 193 -29.38 -0.78 25.95
C SER B 193 -29.85 -1.07 27.35
N MET B 194 -29.02 -1.79 28.14
CA MET B 194 -29.31 -2.14 29.52
C MET B 194 -29.49 -0.88 30.37
N SER B 195 -28.46 -0.02 30.41
CA SER B 195 -28.44 1.22 31.18
C SER B 195 -29.38 2.31 30.69
N GLY B 196 -29.50 2.46 29.37
CA GLY B 196 -30.31 3.52 28.76
C GLY B 196 -29.53 4.82 28.64
N THR B 197 -28.20 4.73 28.54
CA THR B 197 -27.24 5.83 28.44
C THR B 197 -27.47 6.65 27.18
N VAL B 198 -27.32 7.96 27.31
CA VAL B 198 -27.44 8.88 26.19
C VAL B 198 -26.06 9.03 25.56
N ILE B 199 -25.95 8.66 24.27
CA ILE B 199 -24.71 8.75 23.50
C ILE B 199 -24.35 10.22 23.29
N ARG B 200 -23.08 10.53 23.54
CA ARG B 200 -22.56 11.88 23.33
C ARG B 200 -21.32 11.89 22.40
N ASP B 201 -20.83 10.69 21.95
CA ASP B 201 -19.68 10.53 21.04
C ASP B 201 -20.12 9.93 19.69
N TYR B 202 -19.68 10.55 18.58
CA TYR B 202 -20.05 10.16 17.22
C TYR B 202 -18.81 10.09 16.37
N VAL B 203 -18.30 8.87 16.17
CA VAL B 203 -17.09 8.63 15.38
C VAL B 203 -17.51 8.50 13.92
N PHE B 204 -17.10 9.48 13.11
CA PHE B 204 -17.36 9.51 11.67
C PHE B 204 -16.17 8.89 10.92
N GLY B 205 -16.46 8.17 9.87
CA GLY B 205 -15.44 7.73 8.94
C GLY B 205 -15.16 8.95 8.07
N GLY B 206 -14.03 8.99 7.37
CA GLY B 206 -13.61 10.09 6.52
C GLY B 206 -14.57 10.51 5.42
N ASP B 207 -15.23 9.55 4.76
CA ASP B 207 -16.20 9.79 3.66
C ASP B 207 -17.54 10.36 4.18
N ALA B 208 -18.00 9.86 5.34
CA ALA B 208 -19.20 10.29 6.08
C ALA B 208 -19.00 11.74 6.56
N TRP B 209 -17.79 12.03 7.09
CA TRP B 209 -17.41 13.36 7.56
C TRP B 209 -17.42 14.34 6.39
N ASP B 210 -16.71 14.01 5.29
CA ASP B 210 -16.67 14.80 4.05
C ASP B 210 -18.08 15.07 3.49
N GLN B 211 -19.00 14.09 3.55
CA GLN B 211 -20.39 14.27 3.09
C GLN B 211 -21.23 15.10 4.10
N PHE B 212 -20.94 14.99 5.42
CA PHE B 212 -21.57 15.78 6.48
C PHE B 212 -21.13 17.25 6.32
N VAL B 213 -19.85 17.48 5.95
CA VAL B 213 -19.32 18.81 5.65
C VAL B 213 -19.79 19.36 4.30
N LYS B 214 -19.87 18.52 3.25
CA LYS B 214 -20.42 18.93 1.94
C LYS B 214 -21.92 19.40 2.11
N VAL B 215 -22.74 18.68 2.90
CA VAL B 215 -24.14 19.04 3.14
C VAL B 215 -24.31 20.11 4.27
N GLY B 216 -23.59 19.95 5.37
CA GLY B 216 -23.68 20.86 6.51
C GLY B 216 -23.13 22.24 6.29
N GLY B 217 -21.82 22.30 5.99
CA GLY B 217 -21.00 23.45 5.67
C GLY B 217 -21.32 24.78 6.32
N LYS B 218 -22.18 25.59 5.67
CA LYS B 218 -22.52 26.92 6.20
C LYS B 218 -23.17 26.85 7.62
N GLU B 219 -24.15 25.98 7.76
CA GLU B 219 -24.90 25.75 9.00
C GLU B 219 -24.04 25.06 10.06
N LEU B 220 -22.93 24.49 9.63
CA LEU B 220 -22.01 23.74 10.47
C LEU B 220 -20.77 24.54 10.91
N TRP B 221 -20.08 25.21 9.95
CA TRP B 221 -18.82 25.93 10.16
C TRP B 221 -18.86 27.44 9.90
N GLY B 222 -20.03 27.97 9.50
CA GLY B 222 -20.22 29.38 9.15
C GLY B 222 -20.27 30.34 10.32
N LYS B 223 -20.66 31.61 10.03
CA LYS B 223 -20.78 32.70 11.01
C LYS B 223 -21.64 32.35 12.25
N ASP B 224 -22.66 31.47 12.05
CA ASP B 224 -23.60 30.96 13.08
C ASP B 224 -23.50 29.44 13.18
N GLY B 225 -22.31 28.90 12.95
CA GLY B 225 -22.04 27.47 12.98
C GLY B 225 -22.45 26.76 14.26
N LEU B 226 -22.77 25.46 14.13
CA LEU B 226 -23.17 24.60 15.25
C LEU B 226 -21.93 24.04 15.95
N MET B 227 -20.83 23.90 15.19
CA MET B 227 -19.58 23.39 15.72
C MET B 227 -18.90 24.36 16.69
N ASP B 228 -18.59 23.87 17.90
CA ASP B 228 -17.88 24.60 18.94
C ASP B 228 -16.47 23.97 18.95
N SER B 229 -15.59 24.49 18.05
CA SER B 229 -14.21 24.09 17.79
C SER B 229 -13.21 24.38 18.94
N THR B 230 -13.58 25.30 19.88
CA THR B 230 -12.76 25.75 21.01
C THR B 230 -12.19 24.62 21.89
N ASN B 237 -9.88 15.52 29.38
CA ASN B 237 -8.57 15.44 28.74
C ASN B 237 -8.64 14.65 27.42
N VAL B 238 -9.49 13.58 27.39
CA VAL B 238 -9.64 12.61 26.29
C VAL B 238 -9.64 13.15 24.85
N THR B 239 -10.04 14.42 24.68
CA THR B 239 -10.14 15.11 23.39
C THR B 239 -8.80 15.62 22.85
N ARG B 240 -7.77 15.76 23.72
CA ARG B 240 -6.44 16.27 23.39
C ARG B 240 -5.33 15.21 23.41
N LEU B 241 -5.70 13.93 23.56
CA LEU B 241 -4.72 12.84 23.58
C LEU B 241 -4.31 12.36 22.18
N TRP B 242 -4.98 12.89 21.13
CA TRP B 242 -4.83 12.48 19.73
C TRP B 242 -4.22 13.54 18.82
N ASP B 243 -3.52 14.52 19.44
CA ASP B 243 -2.85 15.61 18.74
C ASP B 243 -1.75 15.05 17.81
N ASP B 244 -0.92 14.14 18.34
CA ASP B 244 0.18 13.50 17.60
C ASP B 244 -0.16 12.09 17.06
N VAL B 245 -1.47 11.82 16.90
CA VAL B 245 -1.96 10.54 16.39
C VAL B 245 -2.56 10.79 14.99
N GLU B 246 -1.95 10.16 13.97
CA GLU B 246 -2.38 10.23 12.58
C GLU B 246 -3.63 9.33 12.44
N GLY B 247 -4.69 9.91 11.88
CA GLY B 247 -5.94 9.19 11.66
C GLY B 247 -7.05 9.58 12.61
N VAL B 248 -6.70 10.06 13.83
CA VAL B 248 -7.68 10.53 14.81
C VAL B 248 -7.71 12.06 14.88
N GLN B 249 -8.93 12.63 14.65
CA GLN B 249 -9.22 14.07 14.68
C GLN B 249 -10.43 14.33 15.58
N TYR B 250 -10.24 15.15 16.63
CA TYR B 250 -11.36 15.59 17.46
C TYR B 250 -11.78 16.91 16.82
N MET B 251 -13.05 16.99 16.35
CA MET B 251 -13.60 18.16 15.63
C MET B 251 -14.26 19.24 16.48
N GLY B 252 -14.66 18.88 17.68
CA GLY B 252 -15.37 19.77 18.59
C GLY B 252 -16.73 19.20 18.96
N GLU B 253 -17.47 19.96 19.76
CA GLU B 253 -18.81 19.57 20.15
C GLU B 253 -19.77 20.29 19.22
N LEU B 254 -20.76 19.55 18.71
CA LEU B 254 -21.83 20.12 17.89
C LEU B 254 -22.85 20.62 18.92
N VAL B 255 -23.02 21.95 18.96
CA VAL B 255 -23.94 22.58 19.89
C VAL B 255 -25.35 22.44 19.38
N GLY B 256 -26.19 21.82 20.20
CA GLY B 256 -27.60 21.66 19.88
C GLY B 256 -28.28 23.02 19.97
N ALA B 257 -28.68 23.57 18.79
CA ALA B 257 -29.34 24.89 18.70
C ALA B 257 -30.68 24.92 19.44
N GLY B 261 -29.55 18.70 21.99
CA GLY B 261 -28.42 18.61 22.90
C GLY B 261 -27.06 18.53 22.23
N ARG B 262 -25.98 18.36 23.04
CA ARG B 262 -24.59 18.27 22.57
C ARG B 262 -24.20 16.89 21.96
N MET B 263 -23.14 16.90 21.12
CA MET B 263 -22.63 15.76 20.37
C MET B 263 -21.12 15.99 20.10
N ARG B 264 -20.23 15.19 20.74
CA ARG B 264 -18.79 15.32 20.46
C ARG B 264 -18.52 14.60 19.13
N ILE B 265 -17.78 15.27 18.24
CA ILE B 265 -17.49 14.80 16.88
C ILE B 265 -16.07 14.35 16.71
N TRP B 266 -15.91 13.06 16.39
CA TRP B 266 -14.61 12.42 16.12
C TRP B 266 -14.63 11.89 14.69
N VAL B 267 -13.52 12.08 13.97
CA VAL B 267 -13.32 11.60 12.61
C VAL B 267 -12.16 10.60 12.66
N ASN B 268 -12.39 9.37 12.17
CA ASN B 268 -11.37 8.32 12.17
C ASN B 268 -11.02 7.88 10.75
N THR B 269 -9.75 8.10 10.38
CA THR B 269 -9.18 7.76 9.07
C THR B 269 -7.94 6.86 9.24
N GLN B 270 -7.89 6.13 10.37
CA GLN B 270 -6.78 5.26 10.72
C GLN B 270 -6.80 3.99 9.91
N LYS B 271 -5.61 3.52 9.55
CA LYS B 271 -5.40 2.30 8.78
C LYS B 271 -4.58 1.26 9.61
N TYR B 272 -4.80 -0.04 9.35
CA TYR B 272 -4.13 -1.20 9.97
C TYR B 272 -3.88 -2.24 8.88
N ARG B 273 -2.88 -3.12 9.07
CA ARG B 273 -2.52 -4.15 8.09
C ARG B 273 -3.17 -5.51 8.40
N ASP B 274 -3.94 -6.05 7.44
CA ASP B 274 -4.56 -7.37 7.64
C ASP B 274 -4.39 -8.31 6.47
N GLN B 275 -3.63 -9.42 6.71
CA GLN B 275 -3.33 -10.53 5.79
C GLN B 275 -3.04 -10.11 4.33
N ASP B 277 -0.78 -8.29 5.49
CA ASP B 277 -0.23 -7.59 4.33
C ASP B 277 -1.13 -6.46 3.84
N GLN B 278 -2.46 -6.74 3.72
CA GLN B 278 -3.44 -5.78 3.20
C GLN B 278 -3.89 -4.71 4.19
N GLU B 279 -3.45 -3.44 3.93
CA GLU B 279 -3.76 -2.24 4.71
C GLU B 279 -5.22 -1.90 4.55
N GLN B 280 -5.94 -1.79 5.66
CA GLN B 280 -7.39 -1.50 5.71
C GLN B 280 -7.73 -0.39 6.72
N PHE B 281 -8.93 0.22 6.59
CA PHE B 281 -9.43 1.23 7.53
C PHE B 281 -10.03 0.57 8.76
N LEU B 282 -9.65 1.07 9.92
CA LEU B 282 -10.12 0.64 11.23
C LEU B 282 -11.63 0.90 11.38
N MET B 283 -12.10 2.08 10.92
CA MET B 283 -13.49 2.50 10.97
C MET B 283 -14.08 2.43 9.58
N LYS B 284 -15.35 2.00 9.44
CA LYS B 284 -16.07 1.98 8.17
C LYS B 284 -16.14 3.46 7.73
N GLN B 285 -15.48 3.78 6.61
CA GLN B 285 -15.36 5.14 6.11
C GLN B 285 -16.66 5.85 5.73
N LYS B 286 -17.59 5.09 5.14
CA LYS B 286 -18.87 5.59 4.67
C LYS B 286 -20.00 5.51 5.72
N ALA B 287 -19.60 5.36 6.99
CA ALA B 287 -20.53 5.24 8.10
C ALA B 287 -20.15 6.09 9.32
N VAL B 288 -21.13 6.27 10.24
CA VAL B 288 -20.97 6.99 11.51
C VAL B 288 -21.34 6.03 12.66
N MET B 289 -20.41 5.85 13.61
CA MET B 289 -20.67 5.04 14.80
C MET B 289 -20.95 5.95 15.99
N GLY B 290 -22.02 5.65 16.71
CA GLY B 290 -22.41 6.32 17.93
C GLY B 290 -22.07 5.36 19.05
N ILE B 291 -21.31 5.86 20.04
CA ILE B 291 -20.83 5.03 21.14
C ILE B 291 -20.97 5.68 22.54
N SER B 292 -21.22 4.84 23.54
CA SER B 292 -21.30 5.22 24.94
C SER B 292 -20.25 4.43 25.74
N SER B 293 -19.89 4.94 26.93
CA SER B 293 -18.96 4.28 27.87
C SER B 293 -19.62 3.01 28.46
N ALA B 294 -20.97 2.93 28.37
CA ALA B 294 -21.82 1.84 28.85
C ALA B 294 -21.61 0.54 28.09
N ILE B 295 -20.90 0.59 26.95
CA ILE B 295 -20.52 -0.61 26.18
C ILE B 295 -19.69 -1.51 27.11
N GLU B 296 -18.90 -0.87 28.01
CA GLU B 296 -18.07 -1.44 29.07
C GLU B 296 -17.33 -2.68 28.61
N GLY B 297 -16.70 -2.53 27.46
CA GLY B 297 -15.96 -3.58 26.78
C GLY B 297 -14.89 -4.20 27.64
N VAL B 298 -14.73 -5.49 27.46
CA VAL B 298 -13.77 -6.24 28.24
C VAL B 298 -12.76 -6.87 27.29
N ARG B 299 -11.46 -6.64 27.59
CA ARG B 299 -10.32 -7.25 26.89
C ARG B 299 -10.21 -8.65 27.49
N CYS B 300 -10.70 -9.66 26.78
CA CYS B 300 -10.66 -11.06 27.24
C CYS B 300 -9.44 -11.79 26.68
N PHE B 301 -8.77 -12.60 27.51
CA PHE B 301 -7.57 -13.32 27.09
C PHE B 301 -7.55 -14.75 27.56
N GLY B 302 -7.35 -15.66 26.62
CA GLY B 302 -7.18 -17.07 26.94
C GLY B 302 -5.80 -17.29 27.52
N ALA B 303 -5.61 -18.39 28.25
CA ALA B 303 -4.29 -18.71 28.81
C ALA B 303 -3.46 -19.42 27.75
N ILE B 304 -2.17 -19.07 27.70
CA ILE B 304 -1.23 -19.66 26.76
C ILE B 304 -0.60 -20.91 27.35
N LEU B 305 -0.96 -22.07 26.80
CA LEU B 305 -0.41 -23.34 27.23
C LEU B 305 1.10 -23.43 26.95
N ASP B 306 1.88 -23.73 27.98
CA ASP B 306 3.32 -23.91 27.92
C ASP B 306 3.61 -25.35 28.38
N LYS B 307 4.50 -26.08 27.65
CA LYS B 307 4.91 -27.48 27.91
C LYS B 307 5.19 -27.82 29.39
N GLY B 308 6.18 -27.17 29.97
CA GLY B 308 6.56 -27.40 31.36
C GLY B 308 5.90 -26.47 32.38
N ALA B 309 5.80 -25.16 32.03
CA ALA B 309 5.27 -24.11 32.91
C ALA B 309 3.75 -24.08 33.11
N GLY B 310 3.01 -24.86 32.31
CA GLY B 310 1.55 -24.94 32.35
C GLY B 310 0.94 -23.72 31.69
N TYR B 311 -0.37 -23.50 31.91
CA TYR B 311 -1.08 -22.33 31.36
C TYR B 311 -0.54 -20.99 31.87
N GLN B 312 -0.34 -20.03 30.97
CA GLN B 312 0.11 -18.67 31.30
C GLN B 312 -1.03 -17.69 30.97
N ALA B 313 -1.65 -17.09 32.00
CA ALA B 313 -2.75 -16.12 31.83
C ALA B 313 -2.15 -14.71 31.66
N LEU B 314 -1.66 -14.43 30.43
CA LEU B 314 -1.05 -13.17 30.06
C LEU B 314 -1.69 -12.58 28.81
N ASP B 315 -1.63 -11.23 28.67
CA ASP B 315 -2.13 -10.56 27.46
C ASP B 315 -1.26 -11.04 26.29
N TYR B 316 0.09 -10.93 26.45
CA TYR B 316 1.14 -11.38 25.53
C TYR B 316 2.27 -12.09 26.35
N PHE B 317 2.94 -13.08 25.73
CA PHE B 317 3.94 -13.89 26.42
C PHE B 317 5.23 -14.13 25.57
N PRO B 318 6.33 -13.40 25.86
CA PRO B 318 7.57 -13.55 25.06
C PRO B 318 8.43 -14.79 25.37
N LYS B 319 8.84 -15.51 24.32
CA LYS B 319 9.69 -16.69 24.44
C LYS B 319 10.80 -16.66 23.41
N MET B 320 12.04 -16.84 23.87
CA MET B 320 13.26 -16.90 23.08
C MET B 320 13.83 -18.31 23.10
N TRP B 321 14.50 -18.75 22.01
CA TRP B 321 15.14 -20.08 21.93
C TRP B 321 16.08 -20.23 20.76
N ASP B 322 17.02 -21.18 20.88
CA ASP B 322 17.96 -21.54 19.80
C ASP B 322 17.40 -22.78 19.13
N GLN B 323 17.57 -22.87 17.81
CA GLN B 323 17.15 -24.05 17.06
C GLN B 323 18.05 -24.36 15.86
N GLU B 324 17.84 -25.54 15.26
CA GLU B 324 18.50 -26.03 14.05
C GLU B 324 17.34 -26.31 13.08
N ASP B 325 17.63 -26.30 11.77
CA ASP B 325 16.67 -26.52 10.68
C ASP B 325 15.49 -25.52 10.69
N PRO B 326 15.70 -24.21 10.49
CA PRO B 326 16.98 -23.50 10.24
C PRO B 326 17.78 -23.23 11.52
N SER B 327 19.10 -23.04 11.36
CA SER B 327 20.01 -22.79 12.47
C SER B 327 19.98 -21.31 12.86
N VAL B 328 18.94 -20.92 13.59
CA VAL B 328 18.74 -19.54 14.02
C VAL B 328 18.18 -19.45 15.45
N GLU B 329 18.16 -18.25 15.99
CA GLU B 329 17.51 -17.98 17.26
C GLU B 329 16.18 -17.26 16.98
N TYR B 330 15.12 -17.63 17.73
CA TYR B 330 13.78 -17.06 17.60
C TYR B 330 13.32 -16.32 18.80
N LEU B 331 12.38 -15.42 18.57
CA LEU B 331 11.67 -14.68 19.58
C LEU B 331 10.23 -14.75 19.16
N MET B 332 9.36 -15.20 20.09
CA MET B 332 7.92 -15.29 19.84
C MET B 332 7.08 -14.87 21.04
N SER B 333 6.18 -13.92 20.82
CA SER B 333 5.23 -13.42 21.78
C SER B 333 3.88 -14.03 21.44
N GLN B 334 3.35 -14.85 22.33
CA GLN B 334 2.06 -15.49 22.13
C GLN B 334 0.98 -14.84 23.02
N GLY B 335 -0.23 -14.77 22.45
CA GLY B 335 -1.42 -14.23 23.10
C GLY B 335 -2.66 -14.77 22.43
N ALA B 336 -3.77 -14.90 23.19
CA ALA B 336 -5.05 -15.38 22.66
C ALA B 336 -6.21 -14.39 23.01
N PRO B 337 -6.30 -13.24 22.30
CA PRO B 337 -7.32 -12.24 22.64
C PRO B 337 -8.69 -12.31 21.97
N LEU B 338 -9.65 -11.56 22.56
CA LEU B 338 -11.00 -11.29 22.12
C LEU B 338 -11.52 -10.09 22.88
N MET B 339 -12.03 -9.11 22.16
CA MET B 339 -12.57 -7.88 22.74
C MET B 339 -14.09 -8.03 22.70
N VAL B 340 -14.67 -8.37 23.87
CA VAL B 340 -16.09 -8.65 24.07
C VAL B 340 -16.83 -7.47 24.73
N PRO B 341 -17.92 -6.96 24.12
CA PRO B 341 -18.66 -5.86 24.75
C PRO B 341 -19.61 -6.37 25.82
N ALA B 342 -19.61 -5.71 27.00
CA ALA B 342 -20.50 -6.06 28.11
C ALA B 342 -21.94 -5.78 27.71
N ASP B 343 -22.20 -4.57 27.16
CA ASP B 343 -23.51 -4.18 26.63
C ASP B 343 -23.39 -4.03 25.08
N PRO B 344 -23.68 -5.09 24.31
CA PRO B 344 -23.56 -5.00 22.85
C PRO B 344 -24.46 -3.95 22.20
N ASN B 345 -25.56 -3.60 22.90
CA ASN B 345 -26.61 -2.66 22.48
C ASN B 345 -26.29 -1.22 22.89
N ALA B 346 -25.09 -0.97 23.48
CA ALA B 346 -24.71 0.38 23.92
C ALA B 346 -24.00 1.24 22.83
N SER B 347 -24.15 0.80 21.55
CA SER B 347 -23.58 1.47 20.36
C SER B 347 -24.42 1.15 19.10
N PHE B 348 -24.33 2.04 18.09
CA PHE B 348 -24.99 1.88 16.80
C PHE B 348 -24.06 2.31 15.66
N LEU B 349 -24.33 1.81 14.44
CA LEU B 349 -23.62 2.18 13.22
C LEU B 349 -24.69 2.59 12.23
N LEU B 350 -24.43 3.70 11.51
CA LEU B 350 -25.33 4.27 10.51
C LEU B 350 -24.53 4.46 9.23
N THR B 351 -24.82 3.66 8.21
CA THR B 351 -24.14 3.79 6.92
C THR B 351 -24.79 4.96 6.20
N VAL B 352 -24.00 5.84 5.56
CA VAL B 352 -24.53 7.06 4.89
C VAL B 352 -24.39 7.17 3.36
N MET B 353 -23.55 6.32 2.73
CA MET B 353 -23.30 6.28 1.29
C MET B 353 -23.06 4.83 0.86
N SER B 354 -22.76 4.60 -0.43
CA SER B 354 -22.47 3.27 -1.01
C SER B 354 -21.26 3.27 -1.95
#